data_4TOR
#
_entry.id   4TOR
#
_cell.length_a   108.382
_cell.length_b   108.382
_cell.length_c   122.215
_cell.angle_alpha   90.00
_cell.angle_beta   90.00
_cell.angle_gamma   120.00
#
_symmetry.space_group_name_H-M   'P 62'
#
loop_
_entity.id
_entity.type
_entity.pdbx_description
1 polymer Tankyrase-1
2 non-polymer 'ZINC ION'
3 non-polymer 1-[(1-acetyl-5-bromo-1H-indol-6-yl)sulfonyl]-N-ethyl-N-(3-methylphenyl)piperidine-4-carboxamide
4 non-polymer 'CHLORIDE ION'
5 water water
#
_entity_poly.entity_id   1
_entity_poly.type   'polypeptide(L)'
_entity_poly.pdbx_seq_one_letter_code
;MGSSHHHHHHSSGLEVLFQGPHMASGTILLDLAPEDKEYQSVEEEMQSTIREHRDGGNAGGIFNRYNVIRIQKVVNKKLR
ERFCHRQKEVSEENHNHHNERMLFHGSPFINAIIHKGFDERHAYIGGMFGAGIYFAENSSKSNQYVYGIGGGTGCPTHKD
RSCYICHRQMLFCRVTLGKSFLQFSTIKMAHAPPGHHSVIGRPSVNGLAYAEYVIYRGEQAYPEYLITYQIMKPEA
;
_entity_poly.pdbx_strand_id   A,B,C,D
#
loop_
_chem_comp.id
_chem_comp.type
_chem_comp.name
_chem_comp.formula
CL non-polymer 'CHLORIDE ION' 'Cl -1'
IW8 non-polymer 1-[(1-acetyl-5-bromo-1H-indol-6-yl)sulfonyl]-N-ethyl-N-(3-methylphenyl)piperidine-4-carboxamide 'C25 H28 Br N3 O4 S'
ZN non-polymer 'ZINC ION' 'Zn 2'
#
# COMPACT_ATOMS: atom_id res chain seq x y z
N GLY A 26 -17.80 -18.96 -19.51
CA GLY A 26 -18.32 -19.89 -18.54
C GLY A 26 -19.06 -19.19 -17.40
N THR A 27 -19.21 -17.88 -17.51
CA THR A 27 -19.85 -17.12 -16.46
C THR A 27 -21.37 -17.16 -16.58
N ILE A 28 -22.00 -17.43 -15.45
CA ILE A 28 -23.44 -17.37 -15.24
C ILE A 28 -23.71 -16.28 -14.20
N LEU A 29 -24.66 -15.38 -14.46
CA LEU A 29 -25.10 -14.39 -13.48
C LEU A 29 -26.44 -14.79 -12.91
N LEU A 30 -26.48 -15.04 -11.60
CA LEU A 30 -27.72 -15.37 -10.92
C LEU A 30 -28.31 -14.13 -10.29
N ASP A 31 -29.45 -13.70 -10.80
CA ASP A 31 -30.12 -12.55 -10.26
C ASP A 31 -30.72 -12.91 -8.90
N LEU A 32 -30.46 -12.08 -7.88
CA LEU A 32 -31.01 -12.33 -6.57
C LEU A 32 -32.26 -11.51 -6.36
N ALA A 33 -33.28 -12.11 -5.77
CA ALA A 33 -34.52 -11.40 -5.48
C ALA A 33 -34.25 -10.41 -4.34
N PRO A 34 -34.92 -9.23 -4.39
CA PRO A 34 -34.69 -8.27 -3.31
C PRO A 34 -35.16 -8.82 -1.96
N GLU A 35 -36.06 -9.80 -1.98
CA GLU A 35 -36.54 -10.45 -0.77
C GLU A 35 -35.53 -11.45 -0.19
N ASP A 36 -34.53 -11.81 -1.00
CA ASP A 36 -33.50 -12.76 -0.57
C ASP A 36 -32.65 -12.13 0.53
N LYS A 37 -32.40 -12.87 1.61
CA LYS A 37 -31.58 -12.35 2.69
C LYS A 37 -30.14 -12.11 2.24
N GLU A 38 -29.70 -12.87 1.25
CA GLU A 38 -28.35 -12.68 0.69
C GLU A 38 -28.24 -11.34 -0.04
N TYR A 39 -29.27 -11.00 -0.82
CA TYR A 39 -29.36 -9.68 -1.44
C TYR A 39 -29.31 -8.59 -0.38
N GLN A 40 -30.13 -8.75 0.67
CA GLN A 40 -30.22 -7.72 1.71
C GLN A 40 -28.90 -7.57 2.49
N SER A 41 -28.19 -8.69 2.65
CA SER A 41 -26.90 -8.67 3.31
C SER A 41 -25.90 -7.83 2.51
N VAL A 42 -25.90 -8.02 1.20
CA VAL A 42 -24.96 -7.31 0.35
C VAL A 42 -25.31 -5.82 0.30
N GLU A 43 -26.58 -5.52 0.14
CA GLU A 43 -26.98 -4.13 0.09
C GLU A 43 -26.65 -3.43 1.41
N GLU A 44 -26.86 -4.11 2.54
CA GLU A 44 -26.56 -3.53 3.86
C GLU A 44 -25.07 -3.19 3.96
N GLU A 45 -24.21 -4.09 3.50
CA GLU A 45 -22.77 -3.82 3.58
C GLU A 45 -22.45 -2.63 2.70
N MET A 46 -23.06 -2.60 1.52
CA MET A 46 -22.83 -1.51 0.61
C MET A 46 -23.30 -0.17 1.19
N GLN A 47 -24.52 -0.11 1.70
CA GLN A 47 -25.03 1.12 2.26
C GLN A 47 -24.31 1.57 3.55
N SER A 48 -24.02 0.63 4.44
CA SER A 48 -23.52 1.02 5.74
C SER A 48 -22.03 1.42 5.69
N THR A 49 -21.35 1.12 4.59
CA THR A 49 -19.93 1.46 4.49
C THR A 49 -19.67 2.76 3.71
N ILE A 50 -20.74 3.46 3.34
CA ILE A 50 -20.61 4.79 2.75
C ILE A 50 -19.96 5.75 3.73
N ARG A 51 -19.02 6.55 3.24
CA ARG A 51 -18.37 7.55 4.04
C ARG A 51 -18.29 8.87 3.30
N GLU A 52 -18.19 9.96 4.07
CA GLU A 52 -17.94 11.27 3.48
C GLU A 52 -16.50 11.32 3.06
N HIS A 53 -16.26 11.73 1.82
CA HIS A 53 -14.89 11.71 1.30
C HIS A 53 -14.29 13.09 1.29
N ARG A 54 -12.97 13.11 1.42
CA ARG A 54 -12.18 14.33 1.57
C ARG A 54 -12.31 15.28 0.40
N ASP A 55 -12.66 14.74 -0.76
CA ASP A 55 -12.68 15.53 -1.97
C ASP A 55 -14.03 16.24 -2.15
N GLY A 56 -14.87 16.21 -1.12
CA GLY A 56 -16.15 16.89 -1.16
C GLY A 56 -17.14 16.30 -2.16
N GLY A 57 -16.82 15.11 -2.67
CA GLY A 57 -17.70 14.44 -3.62
C GLY A 57 -17.27 14.55 -5.07
N ASN A 58 -16.10 15.13 -5.32
CA ASN A 58 -15.68 15.36 -6.70
C ASN A 58 -15.59 14.09 -7.54
N ALA A 59 -14.94 13.05 -7.01
CA ALA A 59 -14.72 11.84 -7.79
C ALA A 59 -15.97 11.00 -7.97
N GLY A 60 -16.67 10.75 -6.87
CA GLY A 60 -17.78 9.80 -6.85
C GLY A 60 -19.17 10.39 -6.78
N GLY A 61 -19.27 11.70 -6.51
CA GLY A 61 -20.56 12.35 -6.40
C GLY A 61 -20.96 12.64 -4.97
N ILE A 62 -22.06 13.38 -4.83
CA ILE A 62 -22.59 13.79 -3.53
C ILE A 62 -23.83 12.95 -3.22
N PHE A 63 -23.71 12.12 -2.18
CA PHE A 63 -24.80 11.20 -1.80
C PHE A 63 -24.51 10.66 -0.42
N ASN A 64 -25.55 10.20 0.26
CA ASN A 64 -25.38 9.44 1.50
C ASN A 64 -26.08 8.07 1.42
N ARG A 65 -26.60 7.74 0.24
N ARG A 65 -26.64 7.76 0.26
CA ARG A 65 -27.36 6.52 0.04
CA ARG A 65 -27.31 6.49 0.04
C ARG A 65 -27.38 6.11 -1.44
C ARG A 65 -27.30 6.10 -1.43
N TYR A 66 -27.37 4.80 -1.71
CA TYR A 66 -27.54 4.28 -3.06
C TYR A 66 -28.98 3.81 -3.30
N ASN A 67 -29.39 3.85 -4.56
CA ASN A 67 -30.55 3.08 -5.03
C ASN A 67 -30.03 1.83 -5.73
N VAL A 68 -30.17 0.68 -5.06
CA VAL A 68 -29.70 -0.56 -5.67
C VAL A 68 -30.74 -1.09 -6.63
N ILE A 69 -30.30 -1.38 -7.85
CA ILE A 69 -31.18 -1.76 -8.95
C ILE A 69 -31.22 -3.28 -9.06
N ARG A 70 -30.04 -3.89 -8.90
CA ARG A 70 -29.89 -5.32 -9.13
C ARG A 70 -28.65 -5.82 -8.39
N ILE A 71 -28.74 -7.01 -7.81
CA ILE A 71 -27.56 -7.70 -7.31
C ILE A 71 -27.52 -9.11 -7.91
N GLN A 72 -26.41 -9.42 -8.56
CA GLN A 72 -26.24 -10.70 -9.22
C GLN A 72 -25.04 -11.43 -8.65
N LYS A 73 -25.21 -12.73 -8.44
CA LYS A 73 -24.14 -13.62 -8.06
C LYS A 73 -23.38 -14.08 -9.30
N VAL A 74 -22.06 -13.99 -9.27
CA VAL A 74 -21.22 -14.37 -10.40
C VAL A 74 -20.74 -15.79 -10.21
N VAL A 75 -21.11 -16.65 -11.14
CA VAL A 75 -20.79 -18.07 -11.04
C VAL A 75 -19.86 -18.43 -12.18
N ASN A 76 -18.62 -18.77 -11.86
CA ASN A 76 -17.67 -19.17 -12.88
C ASN A 76 -16.73 -20.22 -12.31
N LYS A 77 -16.93 -21.46 -12.74
CA LYS A 77 -16.21 -22.59 -12.14
C LYS A 77 -14.70 -22.46 -12.30
N LYS A 78 -14.25 -22.05 -13.48
CA LYS A 78 -12.82 -21.94 -13.75
C LYS A 78 -12.18 -20.86 -12.88
N LEU A 79 -12.81 -19.70 -12.81
CA LEU A 79 -12.31 -18.59 -12.01
C LEU A 79 -12.31 -18.99 -10.53
N ARG A 80 -13.34 -19.71 -10.09
CA ARG A 80 -13.44 -20.15 -8.71
C ARG A 80 -12.30 -21.10 -8.40
N GLU A 81 -11.99 -22.00 -9.33
CA GLU A 81 -10.90 -22.97 -9.14
C GLU A 81 -9.56 -22.28 -8.97
N ARG A 82 -9.32 -21.27 -9.81
CA ARG A 82 -8.09 -20.49 -9.75
C ARG A 82 -7.96 -19.77 -8.44
N PHE A 83 -9.06 -19.15 -8.00
CA PHE A 83 -9.09 -18.42 -6.76
C PHE A 83 -8.80 -19.36 -5.60
N CYS A 84 -9.45 -20.52 -5.59
CA CYS A 84 -9.31 -21.44 -4.47
C CYS A 84 -7.91 -22.05 -4.42
N HIS A 85 -7.35 -22.37 -5.57
CA HIS A 85 -5.99 -22.90 -5.63
C HIS A 85 -5.02 -21.91 -5.01
N ARG A 86 -5.13 -20.65 -5.40
CA ARG A 86 -4.23 -19.62 -4.91
C ARG A 86 -4.45 -19.40 -3.42
N GLN A 87 -5.69 -19.49 -2.97
CA GLN A 87 -5.97 -19.23 -1.56
C GLN A 87 -5.30 -20.30 -0.71
N LYS A 88 -5.29 -21.54 -1.20
CA LYS A 88 -4.64 -22.63 -0.48
C LYS A 88 -3.14 -22.38 -0.38
N GLU A 89 -2.55 -21.89 -1.47
CA GLU A 89 -1.13 -21.57 -1.46
C GLU A 89 -0.79 -20.50 -0.43
N VAL A 90 -1.59 -19.43 -0.44
CA VAL A 90 -1.36 -18.32 0.47
C VAL A 90 -1.51 -18.80 1.90
N SER A 91 -2.55 -19.58 2.14
CA SER A 91 -2.79 -20.14 3.47
C SER A 91 -1.57 -20.92 3.97
N GLU A 92 -1.01 -21.77 3.12
CA GLU A 92 0.14 -22.58 3.52
C GLU A 92 1.35 -21.69 3.80
N GLU A 93 1.43 -20.57 3.11
CA GLU A 93 2.55 -19.64 3.26
C GLU A 93 2.40 -18.71 4.45
N ASN A 94 1.20 -18.64 5.02
CA ASN A 94 0.91 -17.72 6.10
C ASN A 94 0.23 -18.42 7.29
N HIS A 95 0.87 -19.48 7.79
CA HIS A 95 0.44 -20.19 9.00
C HIS A 95 -1.04 -20.57 8.97
N ASN A 96 -1.50 -20.95 7.77
CA ASN A 96 -2.87 -21.44 7.56
C ASN A 96 -3.94 -20.38 7.70
N HIS A 97 -3.55 -19.11 7.53
CA HIS A 97 -4.46 -17.97 7.51
C HIS A 97 -4.43 -17.27 6.16
N HIS A 98 -5.40 -17.57 5.31
CA HIS A 98 -5.45 -16.91 4.00
C HIS A 98 -5.96 -15.47 4.11
N ASN A 99 -6.60 -15.15 5.23
CA ASN A 99 -7.08 -13.80 5.51
CA ASN A 99 -7.02 -13.78 5.49
C ASN A 99 -7.95 -13.26 4.38
N GLU A 100 -9.00 -14.01 4.10
CA GLU A 100 -9.98 -13.57 3.12
C GLU A 100 -10.83 -12.45 3.71
N ARG A 101 -11.07 -11.42 2.91
CA ARG A 101 -11.95 -10.33 3.28
C ARG A 101 -12.92 -10.09 2.13
N MET A 102 -14.15 -9.71 2.47
CA MET A 102 -15.08 -9.20 1.48
C MET A 102 -14.86 -7.70 1.29
N LEU A 103 -14.57 -7.30 0.07
CA LEU A 103 -14.16 -5.93 -0.23
C LEU A 103 -14.81 -5.47 -1.53
N PHE A 104 -15.04 -4.17 -1.66
CA PHE A 104 -15.64 -3.63 -2.86
C PHE A 104 -14.57 -3.32 -3.90
N HIS A 105 -14.96 -3.44 -5.17
CA HIS A 105 -14.12 -2.98 -6.27
C HIS A 105 -14.94 -2.17 -7.26
N GLY A 106 -14.39 -1.04 -7.69
CA GLY A 106 -14.95 -0.27 -8.78
C GLY A 106 -13.92 0.03 -9.84
N SER A 107 -14.34 -0.10 -11.09
CA SER A 107 -13.51 0.27 -12.24
C SER A 107 -14.39 0.18 -13.47
N PRO A 108 -13.92 0.75 -14.59
CA PRO A 108 -14.61 0.61 -15.87
C PRO A 108 -14.56 -0.79 -16.50
N PHE A 109 -14.03 -1.79 -15.81
CA PHE A 109 -13.71 -3.06 -16.43
C PHE A 109 -14.52 -4.24 -15.89
N ILE A 110 -15.66 -3.94 -15.27
CA ILE A 110 -16.46 -4.97 -14.63
C ILE A 110 -16.88 -6.09 -15.58
N ASN A 111 -17.28 -5.76 -16.79
CA ASN A 111 -17.71 -6.78 -17.70
C ASN A 111 -16.59 -7.77 -18.03
N ALA A 112 -15.36 -7.27 -18.16
CA ALA A 112 -14.25 -8.17 -18.42
C ALA A 112 -13.93 -9.01 -17.19
N ILE A 113 -13.97 -8.39 -16.02
CA ILE A 113 -13.64 -9.06 -14.75
C ILE A 113 -14.57 -10.25 -14.49
N ILE A 114 -15.87 -10.08 -14.69
CA ILE A 114 -16.81 -11.16 -14.39
C ILE A 114 -16.67 -12.34 -15.38
N HIS A 115 -16.06 -12.12 -16.55
CA HIS A 115 -15.84 -13.18 -17.52
C HIS A 115 -14.46 -13.84 -17.45
N LYS A 116 -13.43 -13.05 -17.19
CA LYS A 116 -12.04 -13.54 -17.26
C LYS A 116 -11.27 -13.39 -15.95
N GLY A 117 -11.89 -12.73 -14.98
CA GLY A 117 -11.27 -12.43 -13.71
C GLY A 117 -10.40 -11.19 -13.74
N PHE A 118 -9.90 -10.83 -12.57
CA PHE A 118 -8.92 -9.77 -12.47
C PHE A 118 -7.61 -10.22 -13.12
N ASP A 119 -6.90 -9.28 -13.74
CA ASP A 119 -5.68 -9.59 -14.50
C ASP A 119 -4.67 -8.47 -14.28
N GLU A 120 -3.67 -8.72 -13.44
CA GLU A 120 -2.72 -7.68 -13.08
C GLU A 120 -1.86 -7.21 -14.27
N ARG A 121 -1.89 -7.95 -15.38
CA ARG A 121 -1.15 -7.52 -16.55
C ARG A 121 -1.70 -6.17 -17.05
N HIS A 122 -2.91 -5.83 -16.64
CA HIS A 122 -3.51 -4.54 -16.96
C HIS A 122 -3.26 -3.48 -15.91
N ALA A 123 -2.54 -3.82 -14.84
CA ALA A 123 -2.22 -2.88 -13.80
C ALA A 123 -0.85 -2.27 -14.07
N TYR A 124 -0.74 -0.94 -14.00
CA TYR A 124 0.52 -0.28 -14.29
C TYR A 124 1.07 0.51 -13.10
N ILE A 125 2.35 0.81 -13.18
CA ILE A 125 3.15 1.13 -12.02
C ILE A 125 2.91 2.55 -11.48
N GLY A 126 2.08 3.32 -12.17
CA GLY A 126 1.85 4.71 -11.79
C GLY A 126 0.86 4.92 -10.65
N GLY A 127 0.12 3.88 -10.29
CA GLY A 127 -0.87 3.98 -9.21
C GLY A 127 -0.25 4.30 -7.87
N MET A 128 -1.08 4.74 -6.93
CA MET A 128 -0.62 5.16 -5.60
C MET A 128 0.21 4.07 -4.93
N PHE A 129 -0.16 2.80 -5.16
CA PHE A 129 0.59 1.69 -4.61
C PHE A 129 1.06 0.75 -5.71
N GLY A 130 1.18 1.31 -6.90
CA GLY A 130 1.80 0.63 -8.03
C GLY A 130 0.87 -0.28 -8.79
N ALA A 131 1.47 -1.30 -9.39
CA ALA A 131 0.80 -2.12 -10.40
C ALA A 131 -0.03 -3.23 -9.81
N GLY A 132 -1.05 -2.85 -9.06
CA GLY A 132 -1.94 -3.82 -8.44
C GLY A 132 -3.39 -3.58 -8.79
N ILE A 133 -4.24 -4.41 -8.19
CA ILE A 133 -5.69 -4.32 -8.32
C ILE A 133 -6.20 -3.84 -6.96
N TYR A 134 -7.02 -2.78 -6.98
CA TYR A 134 -7.36 -2.03 -5.79
C TYR A 134 -8.75 -2.31 -5.34
N PHE A 135 -8.90 -2.48 -4.04
CA PHE A 135 -10.17 -2.76 -3.38
C PHE A 135 -10.35 -1.84 -2.21
N ALA A 136 -11.58 -1.75 -1.72
CA ALA A 136 -11.89 -0.90 -0.57
C ALA A 136 -12.86 -1.57 0.36
N GLU A 137 -12.75 -1.24 1.64
CA GLU A 137 -13.74 -1.70 2.62
C GLU A 137 -14.95 -0.77 2.65
N ASN A 138 -14.81 0.41 2.04
CA ASN A 138 -15.90 1.38 1.93
C ASN A 138 -16.41 1.44 0.51
N SER A 139 -17.68 1.09 0.32
CA SER A 139 -18.24 1.07 -1.00
C SER A 139 -18.09 2.43 -1.68
N SER A 140 -18.15 3.51 -0.91
CA SER A 140 -18.13 4.83 -1.54
C SER A 140 -16.74 5.16 -2.07
N LYS A 141 -15.72 4.51 -1.53
CA LYS A 141 -14.37 4.61 -2.10
C LYS A 141 -14.32 3.94 -3.48
N SER A 142 -14.83 2.72 -3.58
CA SER A 142 -14.90 2.04 -4.88
C SER A 142 -15.73 2.83 -5.88
N ASN A 143 -16.78 3.49 -5.40
CA ASN A 143 -17.62 4.30 -6.28
C ASN A 143 -16.83 5.42 -6.95
N GLN A 144 -15.76 5.89 -6.32
CA GLN A 144 -14.87 6.90 -6.91
C GLN A 144 -14.11 6.43 -8.16
N TYR A 145 -14.13 5.12 -8.46
CA TYR A 145 -13.32 4.54 -9.53
C TYR A 145 -14.18 4.01 -10.68
N VAL A 146 -15.49 3.97 -10.50
CA VAL A 146 -16.38 3.30 -11.44
C VAL A 146 -16.29 3.89 -12.84
N TYR A 147 -16.14 5.22 -12.90
CA TYR A 147 -16.05 5.91 -14.17
C TYR A 147 -14.60 6.26 -14.51
N GLY A 148 -13.65 5.68 -13.77
CA GLY A 148 -12.24 5.92 -14.02
C GLY A 148 -11.52 6.42 -12.79
N ILE A 149 -10.19 6.51 -12.83
CA ILE A 149 -9.43 7.08 -11.73
C ILE A 149 -9.94 8.50 -11.45
N GLY A 150 -10.19 8.77 -10.19
CA GLY A 150 -10.71 10.07 -9.79
C GLY A 150 -12.09 10.37 -10.37
N GLY A 151 -12.81 9.32 -10.72
CA GLY A 151 -14.15 9.45 -11.30
C GLY A 151 -14.14 9.74 -12.78
N GLY A 152 -12.95 9.81 -13.38
CA GLY A 152 -12.86 10.08 -14.81
C GLY A 152 -13.54 11.37 -15.19
N THR A 153 -14.36 11.32 -16.24
CA THR A 153 -15.15 12.48 -16.66
C THR A 153 -16.62 12.26 -16.30
N GLY A 154 -16.87 11.29 -15.43
CA GLY A 154 -18.23 11.01 -14.99
C GLY A 154 -18.97 10.14 -15.98
N CYS A 155 -20.29 10.17 -15.94
CA CYS A 155 -21.08 9.26 -16.76
C CYS A 155 -20.91 9.55 -18.23
N PRO A 156 -21.14 8.53 -19.08
CA PRO A 156 -20.90 8.80 -20.50
C PRO A 156 -21.80 9.88 -21.08
N THR A 157 -23.06 9.87 -20.70
CA THR A 157 -24.05 10.71 -21.36
C THR A 157 -23.99 12.19 -20.91
N HIS A 158 -23.84 12.40 -19.61
CA HIS A 158 -23.93 13.74 -19.04
C HIS A 158 -22.58 14.31 -18.57
N LYS A 159 -21.54 13.47 -18.57
CA LYS A 159 -20.19 13.86 -18.17
C LYS A 159 -20.23 14.42 -16.75
N ASP A 160 -20.98 13.74 -15.88
CA ASP A 160 -21.27 14.18 -14.52
C ASP A 160 -20.81 13.12 -13.55
N ARG A 161 -19.76 13.41 -12.78
CA ARG A 161 -19.30 12.44 -11.78
C ARG A 161 -20.34 12.25 -10.69
N SER A 162 -21.26 13.20 -10.53
CA SER A 162 -22.32 13.08 -9.53
C SER A 162 -23.67 12.77 -10.16
N CYS A 163 -23.66 12.14 -11.33
CA CYS A 163 -24.92 11.85 -12.00
C CYS A 163 -25.84 11.01 -11.14
N TYR A 164 -27.09 11.45 -11.04
CA TYR A 164 -28.13 10.72 -10.30
C TYR A 164 -29.06 9.91 -11.20
N ILE A 165 -28.85 10.01 -12.50
CA ILE A 165 -29.65 9.35 -13.51
C ILE A 165 -29.03 8.03 -13.99
N CYS A 166 -27.76 8.10 -14.40
CA CYS A 166 -27.15 6.97 -15.07
C CYS A 166 -26.78 5.88 -14.06
N HIS A 167 -26.84 4.64 -14.52
CA HIS A 167 -26.56 3.47 -13.70
C HIS A 167 -25.07 3.21 -13.61
N ARG A 168 -24.67 2.68 -12.45
CA ARG A 168 -23.31 2.35 -12.12
C ARG A 168 -23.21 0.88 -11.72
N GLN A 169 -22.03 0.31 -11.83
CA GLN A 169 -21.80 -1.03 -11.30
C GLN A 169 -20.52 -1.08 -10.47
N MET A 170 -20.59 -1.86 -9.41
CA MET A 170 -19.40 -2.20 -8.65
C MET A 170 -19.48 -3.67 -8.28
N LEU A 171 -18.34 -4.21 -7.86
CA LEU A 171 -18.26 -5.59 -7.39
C LEU A 171 -18.09 -5.63 -5.90
N PHE A 172 -18.62 -6.69 -5.29
CA PHE A 172 -18.33 -7.05 -3.90
C PHE A 172 -17.64 -8.38 -3.98
N CYS A 173 -16.35 -8.40 -3.64
CA CYS A 173 -15.45 -9.50 -3.95
C CYS A 173 -14.89 -10.21 -2.73
N ARG A 174 -14.58 -11.50 -2.90
CA ARG A 174 -13.76 -12.24 -1.95
C ARG A 174 -12.31 -11.94 -2.30
N VAL A 175 -11.53 -11.47 -1.34
CA VAL A 175 -10.15 -11.13 -1.61
C VAL A 175 -9.22 -11.82 -0.60
N THR A 176 -8.26 -12.56 -1.15
CA THR A 176 -7.26 -13.27 -0.38
C THR A 176 -6.11 -12.32 -0.05
N LEU A 177 -5.98 -11.91 1.21
CA LEU A 177 -4.96 -10.93 1.58
C LEU A 177 -3.67 -11.55 2.09
N GLY A 178 -3.72 -12.76 2.62
CA GLY A 178 -2.57 -13.38 3.22
C GLY A 178 -1.94 -12.45 4.23
N LYS A 179 -0.62 -12.36 4.21
CA LYS A 179 0.07 -11.42 5.08
C LYS A 179 0.14 -10.07 4.39
N SER A 180 -0.51 -9.07 4.97
CA SER A 180 -0.53 -7.73 4.39
C SER A 180 0.64 -6.86 4.87
N PHE A 181 1.19 -6.09 3.93
CA PHE A 181 2.18 -5.07 4.22
C PHE A 181 1.48 -3.73 4.38
N LEU A 182 1.64 -3.12 5.55
CA LEU A 182 0.99 -1.84 5.85
C LEU A 182 1.81 -0.67 5.36
N GLN A 183 1.21 0.12 4.47
CA GLN A 183 1.89 1.24 3.83
C GLN A 183 1.08 2.53 4.08
N PHE A 184 1.76 3.63 4.38
CA PHE A 184 1.07 4.84 4.82
C PHE A 184 1.16 5.98 3.81
N SER A 185 2.06 5.84 2.84
CA SER A 185 2.22 6.84 1.80
C SER A 185 2.49 6.14 0.46
N THR A 186 2.46 6.92 -0.61
CA THR A 186 2.57 6.33 -1.94
C THR A 186 3.92 5.63 -2.14
N ILE A 187 3.86 4.43 -2.68
CA ILE A 187 5.05 3.70 -3.08
C ILE A 187 4.67 2.82 -4.25
N LYS A 188 5.29 3.10 -5.39
CA LYS A 188 4.90 2.46 -6.63
C LYS A 188 5.59 1.13 -6.78
N MET A 189 4.99 0.07 -6.24
CA MET A 189 5.64 -1.24 -6.39
C MET A 189 4.95 -2.10 -7.43
N ALA A 190 5.71 -3.07 -7.90
CA ALA A 190 5.28 -3.97 -8.97
C ALA A 190 4.61 -5.22 -8.41
N HIS A 191 5.07 -5.66 -7.25
CA HIS A 191 4.62 -6.89 -6.61
C HIS A 191 4.49 -6.67 -5.12
N ALA A 192 3.83 -7.58 -4.42
CA ALA A 192 3.78 -7.50 -2.96
C ALA A 192 5.21 -7.50 -2.44
N PRO A 193 5.46 -6.82 -1.31
CA PRO A 193 6.81 -6.91 -0.76
C PRO A 193 7.20 -8.33 -0.37
N PRO A 194 8.50 -8.62 -0.34
CA PRO A 194 8.98 -9.95 0.08
C PRO A 194 8.28 -10.43 1.36
N GLY A 195 7.81 -11.67 1.34
CA GLY A 195 7.18 -12.28 2.50
C GLY A 195 5.72 -11.93 2.71
N HIS A 196 5.16 -11.16 1.79
CA HIS A 196 3.78 -10.68 1.92
C HIS A 196 2.95 -11.01 0.69
N HIS A 197 1.63 -10.84 0.80
CA HIS A 197 0.70 -11.24 -0.24
C HIS A 197 -0.20 -10.11 -0.70
N SER A 198 -0.12 -8.98 0.00
CA SER A 198 -0.96 -7.84 -0.31
C SER A 198 -0.40 -6.62 0.35
N VAL A 199 -0.91 -5.45 -0.02
CA VAL A 199 -0.53 -4.19 0.59
C VAL A 199 -1.80 -3.52 1.08
N ILE A 200 -1.76 -2.92 2.25
CA ILE A 200 -2.87 -2.08 2.68
C ILE A 200 -2.38 -0.65 2.85
N GLY A 201 -2.98 0.24 2.05
CA GLY A 201 -2.80 1.66 2.23
C GLY A 201 -3.66 2.05 3.41
N ARG A 202 -3.01 2.42 4.51
CA ARG A 202 -3.69 2.63 5.77
C ARG A 202 -3.86 4.11 6.09
N PRO A 203 -5.01 4.47 6.70
CA PRO A 203 -5.20 5.85 7.17
C PRO A 203 -4.13 6.24 8.16
N SER A 204 -3.64 7.48 8.05
CA SER A 204 -2.69 8.00 9.02
C SER A 204 -2.95 9.50 9.17
N VAL A 205 -2.40 10.11 10.21
CA VAL A 205 -2.51 11.55 10.36
C VAL A 205 -1.75 12.18 9.20
N ASN A 206 -2.38 13.17 8.57
CA ASN A 206 -1.83 13.81 7.38
C ASN A 206 -1.55 12.82 6.26
N GLY A 207 -2.41 11.80 6.16
CA GLY A 207 -2.28 10.78 5.13
C GLY A 207 -3.64 10.34 4.59
N LEU A 208 -3.78 9.05 4.29
CA LEU A 208 -5.03 8.52 3.78
C LEU A 208 -6.14 8.65 4.80
N ALA A 209 -7.38 8.67 4.34
CA ALA A 209 -8.55 8.73 5.23
C ALA A 209 -9.20 7.38 5.38
N TYR A 210 -9.20 6.60 4.29
CA TYR A 210 -9.84 5.30 4.28
C TYR A 210 -8.91 4.26 3.69
N ALA A 211 -9.01 3.03 4.17
CA ALA A 211 -8.10 1.97 3.77
C ALA A 211 -8.29 1.56 2.31
N GLU A 212 -7.18 1.29 1.64
CA GLU A 212 -7.23 0.68 0.32
C GLU A 212 -6.39 -0.59 0.35
N TYR A 213 -6.93 -1.62 -0.28
CA TYR A 213 -6.38 -2.96 -0.28
C TYR A 213 -5.88 -3.31 -1.67
N VAL A 214 -4.64 -3.76 -1.78
CA VAL A 214 -4.04 -3.96 -3.10
C VAL A 214 -3.48 -5.35 -3.20
N ILE A 215 -3.87 -6.07 -4.25
CA ILE A 215 -3.25 -7.35 -4.59
C ILE A 215 -2.53 -7.23 -5.93
N TYR A 216 -1.52 -8.07 -6.14
CA TYR A 216 -0.66 -7.96 -7.31
C TYR A 216 -0.73 -9.23 -8.16
N ARG A 217 -1.69 -10.09 -7.82
CA ARG A 217 -2.03 -11.30 -8.57
C ARG A 217 -3.56 -11.36 -8.67
N GLY A 218 -4.07 -11.43 -9.90
CA GLY A 218 -5.50 -11.44 -10.13
C GLY A 218 -6.22 -12.59 -9.45
N GLU A 219 -5.55 -13.73 -9.28
CA GLU A 219 -6.19 -14.90 -8.71
C GLU A 219 -6.45 -14.77 -7.21
N GLN A 220 -6.04 -13.64 -6.61
CA GLN A 220 -6.34 -13.42 -5.20
C GLN A 220 -7.64 -12.65 -4.99
N ALA A 221 -8.46 -12.54 -6.03
CA ALA A 221 -9.80 -12.02 -5.84
C ALA A 221 -10.79 -12.76 -6.70
N TYR A 222 -12.00 -12.93 -6.16
CA TYR A 222 -13.10 -13.52 -6.89
C TYR A 222 -14.27 -12.55 -6.88
N PRO A 223 -14.82 -12.24 -8.06
CA PRO A 223 -15.90 -11.24 -8.15
C PRO A 223 -17.27 -11.79 -7.77
N GLU A 224 -17.52 -11.98 -6.49
CA GLU A 224 -18.67 -12.71 -6.01
C GLU A 224 -20.03 -12.12 -6.41
N TYR A 225 -20.18 -10.81 -6.22
CA TYR A 225 -21.44 -10.10 -6.43
C TYR A 225 -21.27 -8.93 -7.36
N LEU A 226 -22.18 -8.79 -8.32
CA LEU A 226 -22.22 -7.66 -9.21
C LEU A 226 -23.42 -6.78 -8.84
N ILE A 227 -23.14 -5.54 -8.46
CA ILE A 227 -24.16 -4.63 -7.96
C ILE A 227 -24.41 -3.53 -8.97
N THR A 228 -25.66 -3.36 -9.39
CA THR A 228 -26.06 -2.28 -10.30
C THR A 228 -26.83 -1.27 -9.47
N TYR A 229 -26.49 0.01 -9.56
CA TYR A 229 -27.03 1.00 -8.64
C TYR A 229 -26.98 2.41 -9.21
N GLN A 230 -27.69 3.32 -8.54
CA GLN A 230 -27.49 4.74 -8.73
C GLN A 230 -27.10 5.35 -7.40
N ILE A 231 -26.39 6.47 -7.43
CA ILE A 231 -26.27 7.28 -6.23
C ILE A 231 -27.52 8.12 -6.13
N MET A 232 -27.97 8.39 -4.90
CA MET A 232 -29.19 9.17 -4.70
C MET A 232 -28.89 10.59 -4.27
N LYS A 233 -29.67 11.53 -4.81
CA LYS A 233 -29.49 12.92 -4.47
C LYS A 233 -29.95 13.13 -3.03
N PRO A 234 -29.14 13.81 -2.20
CA PRO A 234 -29.58 14.05 -0.82
C PRO A 234 -30.77 15.00 -0.73
N GLY B 26 13.09 -29.36 1.78
CA GLY B 26 12.57 -30.20 0.71
C GLY B 26 13.56 -30.47 -0.42
N THR B 27 14.50 -29.55 -0.63
CA THR B 27 15.43 -29.65 -1.74
C THR B 27 16.53 -30.67 -1.51
N ILE B 28 16.73 -31.51 -2.51
CA ILE B 28 17.89 -32.40 -2.57
C ILE B 28 18.72 -32.06 -3.81
N LEU B 29 20.02 -32.05 -3.65
CA LEU B 29 20.94 -31.87 -4.77
C LEU B 29 21.58 -33.20 -5.11
N LEU B 30 21.35 -33.66 -6.34
CA LEU B 30 21.95 -34.89 -6.83
C LEU B 30 23.19 -34.55 -7.65
N ASP B 31 24.36 -34.89 -7.12
CA ASP B 31 25.61 -34.58 -7.79
C ASP B 31 25.78 -35.56 -8.95
N LEU B 32 25.94 -35.03 -10.16
CA LEU B 32 26.07 -35.86 -11.36
C LEU B 32 27.53 -36.19 -11.63
N ALA B 33 27.80 -37.44 -11.99
CA ALA B 33 29.14 -37.83 -12.39
C ALA B 33 29.50 -37.18 -13.73
N PRO B 34 30.75 -36.73 -13.88
CA PRO B 34 31.18 -36.23 -15.20
C PRO B 34 30.94 -37.24 -16.33
N GLU B 35 30.97 -38.54 -16.03
CA GLU B 35 30.75 -39.57 -17.06
C GLU B 35 29.27 -39.70 -17.42
N ASP B 36 28.42 -39.00 -16.67
CA ASP B 36 26.98 -38.97 -16.94
C ASP B 36 26.70 -38.18 -18.21
N LYS B 37 25.94 -38.78 -19.12
CA LYS B 37 25.55 -38.08 -20.34
C LYS B 37 24.77 -36.81 -20.04
N GLU B 38 23.99 -36.81 -18.96
CA GLU B 38 23.23 -35.61 -18.58
C GLU B 38 24.16 -34.47 -18.16
N TYR B 39 25.18 -34.81 -17.37
CA TYR B 39 26.24 -33.87 -17.04
C TYR B 39 26.85 -33.30 -18.32
N GLN B 40 27.21 -34.18 -19.23
CA GLN B 40 27.93 -33.76 -20.42
C GLN B 40 27.04 -32.87 -21.29
N SER B 41 25.74 -33.15 -21.31
CA SER B 41 24.79 -32.36 -22.08
C SER B 41 24.72 -30.94 -21.53
N VAL B 42 24.65 -30.82 -20.22
CA VAL B 42 24.55 -29.50 -19.60
C VAL B 42 25.84 -28.71 -19.83
N GLU B 43 26.99 -29.34 -19.62
CA GLU B 43 28.25 -28.65 -19.84
C GLU B 43 28.41 -28.20 -21.28
N GLU B 44 28.03 -29.07 -22.22
CA GLU B 44 28.05 -28.74 -23.65
C GLU B 44 27.23 -27.49 -23.96
N GLU B 45 26.03 -27.39 -23.39
CA GLU B 45 25.21 -26.19 -23.60
C GLU B 45 25.90 -24.97 -22.96
N MET B 46 26.47 -25.15 -21.78
CA MET B 46 27.15 -24.05 -21.12
C MET B 46 28.35 -23.55 -21.93
N GLN B 47 29.19 -24.46 -22.39
CA GLN B 47 30.43 -24.07 -23.08
C GLN B 47 30.14 -23.49 -24.46
N SER B 48 29.20 -24.10 -25.16
CA SER B 48 28.97 -23.74 -26.56
C SER B 48 28.21 -22.43 -26.71
N THR B 49 27.62 -21.93 -25.63
CA THR B 49 26.84 -20.70 -25.73
C THR B 49 27.60 -19.49 -25.25
N ILE B 50 28.88 -19.66 -24.92
CA ILE B 50 29.73 -18.52 -24.60
C ILE B 50 29.83 -17.61 -25.80
N ARG B 51 29.73 -16.31 -25.56
CA ARG B 51 29.92 -15.32 -26.60
C ARG B 51 30.85 -14.22 -26.15
N GLU B 52 31.43 -13.52 -27.12
CA GLU B 52 32.21 -12.34 -26.84
C GLU B 52 31.24 -11.21 -26.52
N HIS B 53 31.50 -10.49 -25.43
CA HIS B 53 30.57 -9.44 -25.01
C HIS B 53 31.12 -8.07 -25.31
N ARG B 54 30.21 -7.12 -25.49
CA ARG B 54 30.57 -5.78 -25.90
C ARG B 54 31.43 -5.03 -24.91
N ASP B 55 31.34 -5.39 -23.62
CA ASP B 55 32.12 -4.68 -22.61
C ASP B 55 33.56 -5.17 -22.51
N GLY B 56 33.99 -6.00 -23.46
CA GLY B 56 35.36 -6.47 -23.48
C GLY B 56 35.71 -7.36 -22.31
N GLY B 57 34.69 -7.91 -21.66
CA GLY B 57 34.89 -8.77 -20.52
C GLY B 57 34.83 -8.10 -19.15
N ASN B 58 34.43 -6.84 -19.11
CA ASN B 58 34.48 -6.09 -17.87
C ASN B 58 33.62 -6.72 -16.77
N ALA B 59 32.40 -7.11 -17.12
CA ALA B 59 31.44 -7.59 -16.12
C ALA B 59 31.70 -9.02 -15.68
N GLY B 60 31.97 -9.90 -16.62
CA GLY B 60 32.05 -11.34 -16.34
C GLY B 60 33.45 -11.91 -16.41
N GLY B 61 34.37 -11.14 -16.96
CA GLY B 61 35.75 -11.58 -17.11
C GLY B 61 36.10 -11.95 -18.55
N ILE B 62 37.37 -12.28 -18.73
CA ILE B 62 37.93 -12.62 -20.04
C ILE B 62 38.18 -14.14 -20.07
N PHE B 63 37.47 -14.83 -20.96
CA PHE B 63 37.56 -16.28 -21.07
C PHE B 63 36.88 -16.75 -22.36
N ASN B 64 37.27 -17.94 -22.84
CA ASN B 64 36.53 -18.59 -23.92
C ASN B 64 36.05 -19.98 -23.54
N ARG B 65 36.29 -20.35 -22.28
N ARG B 65 36.33 -20.39 -22.30
CA ARG B 65 35.96 -21.68 -21.77
CA ARG B 65 35.91 -21.69 -21.78
C ARG B 65 35.76 -21.60 -20.26
C ARG B 65 35.77 -21.62 -20.27
N TYR B 66 34.93 -22.49 -19.72
CA TYR B 66 34.80 -22.67 -18.27
C TYR B 66 35.54 -23.93 -17.87
N ASN B 67 35.91 -23.99 -16.59
CA ASN B 67 36.24 -25.25 -15.92
C ASN B 67 35.06 -25.61 -15.04
N VAL B 68 34.35 -26.67 -15.41
CA VAL B 68 33.19 -27.06 -14.63
C VAL B 68 33.62 -27.99 -13.51
N ILE B 69 33.28 -27.59 -12.29
CA ILE B 69 33.69 -28.27 -11.09
C ILE B 69 32.64 -29.29 -10.71
N ARG B 70 31.38 -28.90 -10.79
CA ARG B 70 30.30 -29.75 -10.35
C ARG B 70 29.01 -29.36 -11.06
N ILE B 71 28.19 -30.35 -11.35
CA ILE B 71 26.81 -30.13 -11.82
C ILE B 71 25.85 -30.97 -10.97
N GLN B 72 24.90 -30.29 -10.33
CA GLN B 72 23.92 -30.95 -9.45
C GLN B 72 22.51 -30.75 -9.97
N LYS B 73 21.73 -31.82 -9.97
CA LYS B 73 20.31 -31.74 -10.30
C LYS B 73 19.54 -31.32 -9.06
N VAL B 74 18.64 -30.34 -9.20
CA VAL B 74 17.82 -29.88 -8.09
C VAL B 74 16.49 -30.61 -8.06
N VAL B 75 16.26 -31.31 -6.95
CA VAL B 75 15.05 -32.08 -6.75
C VAL B 75 14.26 -31.48 -5.59
N ASN B 76 13.09 -30.93 -5.92
CA ASN B 76 12.20 -30.34 -4.94
C ASN B 76 10.77 -30.50 -5.41
N LYS B 77 10.05 -31.44 -4.80
CA LYS B 77 8.71 -31.82 -5.28
C LYS B 77 7.74 -30.64 -5.24
N LYS B 78 7.78 -29.86 -4.17
CA LYS B 78 6.87 -28.73 -4.03
C LYS B 78 7.08 -27.68 -5.12
N LEU B 79 8.35 -27.35 -5.39
CA LEU B 79 8.66 -26.37 -6.41
C LEU B 79 8.29 -26.92 -7.77
N ARG B 80 8.53 -28.21 -7.99
CA ARG B 80 8.17 -28.87 -9.24
C ARG B 80 6.67 -28.78 -9.49
N GLU B 81 5.88 -29.02 -8.45
CA GLU B 81 4.43 -28.98 -8.56
C GLU B 81 3.96 -27.58 -8.91
N ARG B 82 4.53 -26.56 -8.27
CA ARG B 82 4.17 -25.18 -8.58
C ARG B 82 4.48 -24.83 -10.05
N PHE B 83 5.67 -25.23 -10.49
CA PHE B 83 6.09 -25.04 -11.87
C PHE B 83 5.14 -25.74 -12.84
N CYS B 84 4.80 -26.99 -12.57
CA CYS B 84 3.97 -27.76 -13.48
C CYS B 84 2.54 -27.24 -13.52
N HIS B 85 2.01 -26.85 -12.37
CA HIS B 85 0.70 -26.25 -12.33
C HIS B 85 0.66 -24.98 -13.18
N ARG B 86 1.67 -24.13 -13.03
CA ARG B 86 1.69 -22.89 -13.78
C ARG B 86 1.86 -23.17 -15.26
N GLN B 87 2.66 -24.17 -15.62
CA GLN B 87 2.92 -24.48 -17.02
C GLN B 87 1.63 -24.91 -17.73
N LYS B 88 0.83 -25.71 -17.04
CA LYS B 88 -0.45 -26.17 -17.57
C LYS B 88 -1.40 -24.97 -17.79
N GLU B 89 -1.43 -24.04 -16.84
CA GLU B 89 -2.21 -22.82 -16.99
C GLU B 89 -1.80 -22.05 -18.24
N VAL B 90 -0.50 -21.82 -18.38
CA VAL B 90 0.01 -21.06 -19.53
C VAL B 90 -0.32 -21.77 -20.83
N SER B 91 -0.10 -23.08 -20.86
CA SER B 91 -0.44 -23.90 -22.02
C SER B 91 -1.89 -23.71 -22.45
N GLU B 92 -2.79 -23.69 -21.48
CA GLU B 92 -4.21 -23.54 -21.79
C GLU B 92 -4.51 -22.17 -22.34
N GLU B 93 -3.73 -21.18 -21.93
CA GLU B 93 -3.93 -19.81 -22.36
C GLU B 93 -3.27 -19.51 -23.71
N ASN B 94 -2.42 -20.42 -24.17
CA ASN B 94 -1.63 -20.16 -25.36
C ASN B 94 -1.69 -21.34 -26.36
N HIS B 95 -2.92 -21.73 -26.67
CA HIS B 95 -3.19 -22.77 -27.66
CA HIS B 95 -3.23 -22.80 -27.63
C HIS B 95 -2.37 -24.04 -27.44
N ASN B 96 -2.22 -24.43 -26.18
CA ASN B 96 -1.57 -25.67 -25.76
C ASN B 96 -0.07 -25.66 -26.00
N HIS B 97 0.51 -24.47 -26.09
CA HIS B 97 1.96 -24.28 -26.23
C HIS B 97 2.51 -23.49 -25.05
N HIS B 98 3.15 -24.18 -24.13
CA HIS B 98 3.71 -23.51 -22.97
C HIS B 98 5.08 -22.87 -23.30
N ASN B 99 5.69 -23.32 -24.40
CA ASN B 99 6.95 -22.76 -24.89
CA ASN B 99 6.92 -22.70 -24.88
C ASN B 99 8.02 -22.77 -23.81
N GLU B 100 8.28 -23.96 -23.30
CA GLU B 100 9.38 -24.13 -22.36
C GLU B 100 10.71 -24.04 -23.09
N ARG B 101 11.66 -23.33 -22.47
CA ARG B 101 13.03 -23.23 -22.96
C ARG B 101 13.98 -23.47 -21.82
N MET B 102 15.11 -24.11 -22.12
CA MET B 102 16.19 -24.22 -21.16
C MET B 102 17.07 -22.98 -21.29
N LEU B 103 17.25 -22.27 -20.18
CA LEU B 103 17.95 -20.99 -20.19
C LEU B 103 18.82 -20.86 -18.96
N PHE B 104 19.89 -20.09 -19.07
CA PHE B 104 20.77 -19.88 -17.94
C PHE B 104 20.29 -18.72 -17.05
N HIS B 105 20.60 -18.82 -15.75
CA HIS B 105 20.38 -17.74 -14.81
C HIS B 105 21.60 -17.56 -13.94
N GLY B 106 22.05 -16.31 -13.83
CA GLY B 106 23.10 -15.93 -12.90
C GLY B 106 22.69 -14.77 -12.00
N SER B 107 22.98 -14.94 -10.72
CA SER B 107 22.75 -13.89 -9.73
C SER B 107 23.35 -14.35 -8.42
N PRO B 108 23.47 -13.43 -7.44
CA PRO B 108 23.99 -13.81 -6.13
C PRO B 108 23.02 -14.59 -5.24
N PHE B 109 21.90 -15.07 -5.77
CA PHE B 109 20.83 -15.60 -4.93
C PHE B 109 20.55 -17.06 -5.18
N ILE B 110 21.51 -17.75 -5.80
CA ILE B 110 21.32 -19.16 -6.17
C ILE B 110 20.93 -20.03 -4.97
N ASN B 111 21.55 -19.77 -3.82
CA ASN B 111 21.25 -20.57 -2.65
C ASN B 111 19.77 -20.48 -2.26
N ALA B 112 19.19 -19.28 -2.30
CA ALA B 112 17.78 -19.12 -1.99
C ALA B 112 16.93 -19.80 -3.05
N ILE B 113 17.29 -19.57 -4.29
CA ILE B 113 16.49 -20.04 -5.42
C ILE B 113 16.32 -21.56 -5.39
N ILE B 114 17.39 -22.29 -5.11
CA ILE B 114 17.26 -23.75 -5.13
C ILE B 114 16.46 -24.31 -3.96
N HIS B 115 16.20 -23.51 -2.92
CA HIS B 115 15.35 -23.94 -1.80
C HIS B 115 13.91 -23.43 -1.84
N LYS B 116 13.71 -22.20 -2.29
CA LYS B 116 12.37 -21.62 -2.28
C LYS B 116 11.89 -21.21 -3.66
N GLY B 117 12.74 -21.39 -4.67
CA GLY B 117 12.42 -20.99 -6.03
C GLY B 117 12.62 -19.51 -6.27
N PHE B 118 12.43 -19.10 -7.53
CA PHE B 118 12.44 -17.70 -7.91
C PHE B 118 11.25 -17.02 -7.29
N ASP B 119 11.42 -15.75 -6.92
CA ASP B 119 10.38 -15.01 -6.19
C ASP B 119 10.37 -13.59 -6.69
N GLU B 120 9.40 -13.26 -7.55
CA GLU B 120 9.36 -11.95 -8.17
C GLU B 120 9.15 -10.80 -7.17
N ARG B 121 8.77 -11.12 -5.93
CA ARG B 121 8.66 -10.09 -4.90
C ARG B 121 10.02 -9.45 -4.60
N HIS B 122 11.10 -10.13 -4.99
CA HIS B 122 12.47 -9.60 -4.90
C HIS B 122 12.93 -8.88 -6.17
N ALA B 123 12.08 -8.87 -7.18
CA ALA B 123 12.41 -8.21 -8.44
C ALA B 123 11.97 -6.77 -8.37
N TYR B 124 12.81 -5.88 -8.88
CA TYR B 124 12.49 -4.46 -8.81
C TYR B 124 12.59 -3.76 -10.15
N ILE B 125 11.81 -2.69 -10.21
CA ILE B 125 11.38 -2.06 -11.43
C ILE B 125 12.54 -1.43 -12.20
N GLY B 126 13.67 -1.25 -11.54
CA GLY B 126 14.81 -0.58 -12.14
C GLY B 126 15.48 -1.31 -13.30
N GLY B 127 15.25 -2.62 -13.40
CA GLY B 127 15.85 -3.44 -14.44
C GLY B 127 15.45 -3.02 -15.85
N MET B 128 16.21 -3.50 -16.83
CA MET B 128 16.03 -3.10 -18.22
C MET B 128 14.60 -3.32 -18.71
N PHE B 129 14.00 -4.43 -18.28
CA PHE B 129 12.63 -4.73 -18.64
C PHE B 129 11.78 -4.85 -17.38
N GLY B 130 12.17 -4.12 -16.34
CA GLY B 130 11.35 -3.98 -15.16
C GLY B 130 11.51 -5.09 -14.14
N ALA B 131 10.44 -5.31 -13.38
CA ALA B 131 10.51 -6.13 -12.17
C ALA B 131 10.26 -7.62 -12.45
N GLY B 132 11.19 -8.21 -13.18
CA GLY B 132 11.11 -9.61 -13.50
C GLY B 132 12.36 -10.35 -13.10
N ILE B 133 12.38 -11.62 -13.47
CA ILE B 133 13.50 -12.52 -13.28
C ILE B 133 14.10 -12.78 -14.65
N TYR B 134 15.42 -12.60 -14.76
CA TYR B 134 16.10 -12.52 -16.03
C TYR B 134 16.92 -13.78 -16.29
N PHE B 135 16.79 -14.28 -17.51
CA PHE B 135 17.48 -15.48 -18.02
C PHE B 135 18.14 -15.16 -19.34
N ALA B 136 19.09 -16.01 -19.73
CA ALA B 136 19.82 -15.82 -20.98
C ALA B 136 19.95 -17.14 -21.70
N GLU B 137 20.03 -17.10 -23.03
CA GLU B 137 20.37 -18.30 -23.79
C GLU B 137 21.89 -18.49 -23.87
N ASN B 138 22.65 -17.45 -23.53
CA ASN B 138 24.11 -17.53 -23.57
C ASN B 138 24.66 -17.57 -22.15
N SER B 139 25.37 -18.63 -21.82
CA SER B 139 25.85 -18.80 -20.45
C SER B 139 26.73 -17.64 -20.02
N SER B 140 27.50 -17.08 -20.96
CA SER B 140 28.42 -16.00 -20.62
C SER B 140 27.66 -14.72 -20.29
N LYS B 141 26.43 -14.56 -20.78
CA LYS B 141 25.62 -13.42 -20.36
C LYS B 141 25.22 -13.58 -18.88
N SER B 142 24.75 -14.75 -18.50
CA SER B 142 24.37 -15.02 -17.11
C SER B 142 25.58 -14.86 -16.19
N ASN B 143 26.75 -15.26 -16.66
CA ASN B 143 27.97 -15.10 -15.89
C ASN B 143 28.24 -13.62 -15.52
N GLN B 144 27.70 -12.68 -16.29
CA GLN B 144 27.92 -11.27 -15.98
C GLN B 144 27.19 -10.79 -14.72
N TYR B 145 26.31 -11.63 -14.19
CA TYR B 145 25.45 -11.26 -13.05
C TYR B 145 25.76 -12.04 -11.77
N VAL B 146 26.61 -13.06 -11.86
CA VAL B 146 26.82 -13.96 -10.72
C VAL B 146 27.31 -13.24 -9.47
N TYR B 147 28.13 -12.21 -9.68
CA TYR B 147 28.69 -11.41 -8.59
C TYR B 147 27.96 -10.08 -8.42
N GLY B 148 26.82 -9.93 -9.08
CA GLY B 148 26.00 -8.73 -8.99
C GLY B 148 25.81 -8.05 -10.34
N ILE B 149 25.05 -6.96 -10.36
CA ILE B 149 24.81 -6.22 -11.59
C ILE B 149 26.12 -5.76 -12.19
N GLY B 150 26.34 -6.07 -13.46
CA GLY B 150 27.56 -5.70 -14.13
C GLY B 150 28.78 -6.33 -13.49
N GLY B 151 28.58 -7.44 -12.79
CA GLY B 151 29.66 -8.14 -12.14
C GLY B 151 30.00 -7.62 -10.75
N GLY B 152 29.34 -6.54 -10.34
CA GLY B 152 29.59 -5.99 -9.02
C GLY B 152 31.05 -5.62 -8.85
N THR B 153 31.63 -5.97 -7.70
CA THR B 153 33.03 -5.70 -7.47
C THR B 153 33.86 -6.96 -7.66
N GLY B 154 33.27 -7.98 -8.28
CA GLY B 154 33.97 -9.22 -8.56
C GLY B 154 33.90 -10.18 -7.39
N CYS B 155 34.83 -11.13 -7.35
CA CYS B 155 34.83 -12.14 -6.32
C CYS B 155 35.04 -11.51 -4.95
N PRO B 156 34.49 -12.13 -3.90
CA PRO B 156 34.64 -11.56 -2.56
C PRO B 156 36.08 -11.37 -2.09
N THR B 157 36.94 -12.34 -2.38
CA THR B 157 38.27 -12.35 -1.83
C THR B 157 39.23 -11.44 -2.56
N HIS B 158 39.20 -11.43 -3.90
CA HIS B 158 40.18 -10.66 -4.68
C HIS B 158 39.59 -9.43 -5.36
N LYS B 159 38.26 -9.28 -5.30
CA LYS B 159 37.59 -8.10 -5.89
C LYS B 159 37.93 -8.02 -7.37
N ASP B 160 37.86 -9.17 -8.02
CA ASP B 160 38.28 -9.34 -9.41
C ASP B 160 37.11 -9.95 -10.19
N ARG B 161 36.54 -9.17 -11.10
CA ARG B 161 35.44 -9.66 -11.90
C ARG B 161 35.91 -10.73 -12.88
N SER B 162 37.21 -10.76 -13.17
CA SER B 162 37.79 -11.79 -14.03
C SER B 162 38.60 -12.81 -13.23
N CYS B 163 38.26 -13.02 -11.97
CA CYS B 163 38.99 -13.99 -11.17
C CYS B 163 38.95 -15.37 -11.79
N TYR B 164 40.13 -15.99 -11.89
CA TYR B 164 40.26 -17.35 -12.41
C TYR B 164 40.40 -18.37 -11.28
N ILE B 165 40.47 -17.87 -10.06
CA ILE B 165 40.67 -18.72 -8.88
C ILE B 165 39.34 -19.08 -8.22
N CYS B 166 38.54 -18.08 -7.91
CA CYS B 166 37.35 -18.32 -7.12
C CYS B 166 36.24 -18.99 -7.93
N HIS B 167 35.46 -19.79 -7.22
CA HIS B 167 34.36 -20.54 -7.80
C HIS B 167 33.12 -19.68 -7.99
N ARG B 168 32.36 -19.99 -9.03
CA ARG B 168 31.14 -19.28 -9.36
C ARG B 168 30.02 -20.29 -9.48
N GLN B 169 28.78 -19.83 -9.35
CA GLN B 169 27.64 -20.71 -9.60
C GLN B 169 26.63 -20.06 -10.55
N MET B 170 26.05 -20.86 -11.42
CA MET B 170 24.88 -20.42 -12.20
C MET B 170 23.89 -21.59 -12.30
N LEU B 171 22.67 -21.28 -12.74
CA LEU B 171 21.63 -22.26 -12.92
C LEU B 171 21.35 -22.43 -14.39
N PHE B 172 20.97 -23.64 -14.77
CA PHE B 172 20.42 -23.94 -16.09
C PHE B 172 18.99 -24.38 -15.80
N CYS B 173 18.01 -23.60 -16.26
CA CYS B 173 16.64 -23.68 -15.78
C CYS B 173 15.62 -24.02 -16.86
N ARG B 174 14.55 -24.69 -16.48
CA ARG B 174 13.37 -24.81 -17.33
C ARG B 174 12.57 -23.52 -17.18
N VAL B 175 12.27 -22.84 -18.28
CA VAL B 175 11.52 -21.58 -18.22
C VAL B 175 10.30 -21.65 -19.13
N THR B 176 9.12 -21.49 -18.52
CA THR B 176 7.85 -21.38 -19.24
C THR B 176 7.66 -19.98 -19.80
N LEU B 177 7.77 -19.84 -21.12
CA LEU B 177 7.71 -18.52 -21.76
C LEU B 177 6.29 -18.18 -22.25
N GLY B 178 5.48 -19.19 -22.51
CA GLY B 178 4.17 -18.96 -23.09
C GLY B 178 4.29 -18.05 -24.30
N LYS B 179 3.39 -17.06 -24.38
CA LYS B 179 3.44 -16.07 -25.44
C LYS B 179 4.38 -14.93 -25.04
N SER B 180 5.49 -14.82 -25.75
CA SER B 180 6.48 -13.80 -25.48
C SER B 180 6.18 -12.50 -26.18
N PHE B 181 6.38 -11.41 -25.44
CA PHE B 181 6.31 -10.06 -26.00
C PHE B 181 7.74 -9.66 -26.36
N LEU B 182 7.95 -9.35 -27.64
CA LEU B 182 9.28 -8.97 -28.12
C LEU B 182 9.51 -7.48 -27.94
N GLN B 183 10.59 -7.14 -27.25
CA GLN B 183 10.95 -5.76 -26.97
C GLN B 183 12.38 -5.52 -27.43
N PHE B 184 12.67 -4.32 -27.91
CA PHE B 184 14.00 -4.05 -28.48
C PHE B 184 14.79 -3.01 -27.69
N SER B 185 14.12 -2.31 -26.78
CA SER B 185 14.78 -1.34 -25.91
C SER B 185 14.11 -1.34 -24.54
N THR B 186 14.75 -0.68 -23.58
CA THR B 186 14.29 -0.72 -22.20
C THR B 186 12.87 -0.20 -22.02
N ILE B 187 12.08 -0.97 -21.28
CA ILE B 187 10.75 -0.56 -20.87
C ILE B 187 10.49 -1.24 -19.54
N LYS B 188 10.24 -0.44 -18.52
CA LYS B 188 10.23 -0.96 -17.15
C LYS B 188 8.82 -1.31 -16.76
N MET B 189 8.47 -2.59 -16.89
CA MET B 189 7.13 -3.01 -16.54
C MET B 189 7.13 -3.87 -15.29
N ALA B 190 5.94 -3.96 -14.71
CA ALA B 190 5.75 -4.69 -13.47
C ALA B 190 5.39 -6.13 -13.74
N HIS B 191 4.66 -6.34 -14.83
CA HIS B 191 4.14 -7.65 -15.21
C HIS B 191 4.28 -7.81 -16.71
N ALA B 192 4.11 -9.03 -17.22
CA ALA B 192 4.08 -9.25 -18.66
C ALA B 192 2.96 -8.42 -19.27
N PRO B 193 3.10 -7.98 -20.53
CA PRO B 193 2.02 -7.26 -21.16
C PRO B 193 0.73 -8.08 -21.27
N PRO B 194 -0.43 -7.42 -21.33
CA PRO B 194 -1.68 -8.15 -21.49
C PRO B 194 -1.61 -9.20 -22.61
N GLY B 195 -2.09 -10.41 -22.34
CA GLY B 195 -2.12 -11.46 -23.34
C GLY B 195 -0.83 -12.24 -23.47
N HIS B 196 0.18 -11.86 -22.69
CA HIS B 196 1.49 -12.46 -22.81
C HIS B 196 1.95 -13.03 -21.48
N HIS B 197 3.02 -13.83 -21.52
CA HIS B 197 3.50 -14.54 -20.34
C HIS B 197 4.98 -14.30 -20.05
N SER B 198 5.65 -13.59 -20.95
CA SER B 198 7.07 -13.30 -20.80
C SER B 198 7.43 -12.14 -21.71
N VAL B 199 8.62 -11.59 -21.49
CA VAL B 199 9.18 -10.57 -22.37
C VAL B 199 10.53 -11.07 -22.87
N ILE B 200 10.79 -10.89 -24.15
CA ILE B 200 12.14 -11.14 -24.67
C ILE B 200 12.72 -9.85 -25.20
N GLY B 201 13.84 -9.45 -24.59
CA GLY B 201 14.65 -8.38 -25.11
C GLY B 201 15.47 -8.96 -26.23
N ARG B 202 15.13 -8.58 -27.45
CA ARG B 202 15.72 -9.16 -28.64
C ARG B 202 16.89 -8.33 -29.16
N PRO B 203 17.91 -9.00 -29.69
CA PRO B 203 18.95 -8.25 -30.40
C PRO B 203 18.35 -7.49 -31.56
N SER B 204 18.83 -6.28 -31.80
CA SER B 204 18.43 -5.53 -32.98
C SER B 204 19.62 -4.70 -33.43
N VAL B 205 19.51 -4.16 -34.64
CA VAL B 205 20.52 -3.25 -35.15
C VAL B 205 20.52 -2.03 -34.24
N ASN B 206 21.67 -1.73 -33.66
CA ASN B 206 21.81 -0.62 -32.70
C ASN B 206 21.00 -0.84 -31.43
N GLY B 207 20.86 -2.10 -31.05
CA GLY B 207 20.22 -2.46 -29.79
C GLY B 207 21.03 -3.50 -29.05
N LEU B 208 20.33 -4.42 -28.38
CA LEU B 208 20.94 -5.52 -27.63
C LEU B 208 21.83 -6.40 -28.50
N ALA B 209 22.87 -6.97 -27.90
CA ALA B 209 23.77 -7.88 -28.59
C ALA B 209 23.25 -9.31 -28.50
N TYR B 210 22.67 -9.65 -27.35
CA TYR B 210 22.21 -11.02 -27.08
C TYR B 210 20.86 -10.98 -26.40
N ALA B 211 20.08 -12.04 -26.58
CA ALA B 211 18.70 -12.08 -26.07
C ALA B 211 18.65 -12.18 -24.56
N GLU B 212 17.69 -11.48 -23.95
CA GLU B 212 17.38 -11.75 -22.54
C GLU B 212 15.91 -12.04 -22.40
N TYR B 213 15.66 -13.00 -21.53
CA TYR B 213 14.33 -13.57 -21.32
C TYR B 213 13.86 -13.21 -19.93
N VAL B 214 12.65 -12.63 -19.85
CA VAL B 214 12.14 -12.12 -18.58
C VAL B 214 10.77 -12.72 -18.25
N ILE B 215 10.64 -13.28 -17.06
CA ILE B 215 9.35 -13.67 -16.52
C ILE B 215 9.04 -12.82 -15.30
N TYR B 216 7.75 -12.71 -15.00
CA TYR B 216 7.27 -11.84 -13.94
C TYR B 216 6.51 -12.62 -12.86
N ARG B 217 6.58 -13.94 -12.95
CA ARG B 217 6.08 -14.86 -11.92
C ARG B 217 7.14 -15.94 -11.70
N GLY B 218 7.57 -16.10 -10.45
CA GLY B 218 8.63 -17.04 -10.13
C GLY B 218 8.32 -18.48 -10.54
N GLU B 219 7.04 -18.86 -10.47
CA GLU B 219 6.62 -20.22 -10.79
C GLU B 219 6.76 -20.56 -12.28
N GLN B 220 7.18 -19.62 -13.11
CA GLN B 220 7.44 -19.93 -14.51
C GLN B 220 8.88 -20.34 -14.78
N ALA B 221 9.66 -20.61 -13.73
CA ALA B 221 10.98 -21.20 -13.90
C ALA B 221 11.24 -22.22 -12.82
N TYR B 222 11.91 -23.30 -13.21
CA TYR B 222 12.37 -24.32 -12.29
C TYR B 222 13.89 -24.43 -12.40
N PRO B 223 14.60 -24.36 -11.27
CA PRO B 223 16.07 -24.36 -11.27
C PRO B 223 16.64 -25.78 -11.44
N GLU B 224 16.61 -26.31 -12.66
CA GLU B 224 16.90 -27.72 -12.89
C GLU B 224 18.32 -28.12 -12.50
N TYR B 225 19.32 -27.36 -12.94
CA TYR B 225 20.73 -27.71 -12.70
C TYR B 225 21.48 -26.57 -12.06
N LEU B 226 22.28 -26.94 -11.05
CA LEU B 226 23.17 -26.03 -10.37
C LEU B 226 24.58 -26.33 -10.85
N ILE B 227 25.23 -25.34 -11.46
CA ILE B 227 26.56 -25.50 -12.04
C ILE B 227 27.59 -24.70 -11.24
N THR B 228 28.62 -25.39 -10.75
CA THR B 228 29.73 -24.76 -10.05
C THR B 228 30.92 -24.78 -10.98
N TYR B 229 31.57 -23.64 -11.16
CA TYR B 229 32.53 -23.50 -12.24
C TYR B 229 33.51 -22.38 -11.96
N GLN B 230 34.60 -22.40 -12.74
CA GLN B 230 35.50 -21.26 -12.84
C GLN B 230 35.53 -20.81 -14.29
N ILE B 231 35.83 -19.55 -14.52
CA ILE B 231 36.21 -19.13 -15.85
C ILE B 231 37.70 -19.43 -16.02
N MET B 232 38.11 -19.77 -17.24
CA MET B 232 39.46 -20.20 -17.53
C MET B 232 40.22 -19.09 -18.25
N LYS B 233 41.47 -18.90 -17.85
CA LYS B 233 42.31 -17.88 -18.48
C LYS B 233 42.68 -18.36 -19.87
N PRO B 234 42.48 -17.51 -20.90
CA PRO B 234 42.87 -17.93 -22.26
C PRO B 234 44.37 -18.06 -22.45
N GLY C 26 0.63 6.31 40.12
CA GLY C 26 1.68 6.85 39.26
C GLY C 26 1.47 6.51 37.80
N THR C 27 0.64 5.53 37.51
CA THR C 27 0.39 5.13 36.13
C THR C 27 -0.53 6.10 35.41
N ILE C 28 -0.11 6.46 34.19
CA ILE C 28 -0.94 7.15 33.22
C ILE C 28 -1.17 6.22 32.03
N LEU C 29 -2.40 6.12 31.54
CA LEU C 29 -2.68 5.41 30.29
C LEU C 29 -2.92 6.41 29.17
N LEU C 30 -2.09 6.33 28.13
CA LEU C 30 -2.22 7.19 26.97
C LEU C 30 -2.93 6.43 25.87
N ASP C 31 -4.13 6.88 25.54
CA ASP C 31 -4.91 6.25 24.50
C ASP C 31 -4.34 6.63 23.14
N LEU C 32 -4.07 5.63 22.32
CA LEU C 32 -3.54 5.87 20.98
C LEU C 32 -4.67 5.90 19.99
N ALA C 33 -4.62 6.85 19.06
CA ALA C 33 -5.63 6.92 18.01
C ALA C 33 -5.39 5.79 17.02
N PRO C 34 -6.47 5.22 16.45
CA PRO C 34 -6.25 4.14 15.48
C PRO C 34 -5.41 4.55 14.28
N GLU C 35 -5.36 5.86 13.99
CA GLU C 35 -4.59 6.38 12.87
C GLU C 35 -3.09 6.51 13.20
N ASP C 36 -2.74 6.35 14.47
CA ASP C 36 -1.35 6.38 14.89
C ASP C 36 -0.61 5.16 14.34
N LYS C 37 0.57 5.38 13.78
CA LYS C 37 1.37 4.28 13.26
C LYS C 37 1.76 3.33 14.39
N GLU C 38 1.91 3.86 15.59
CA GLU C 38 2.26 3.05 16.75
C GLU C 38 1.13 2.07 17.13
N TYR C 39 -0.10 2.58 17.12
CA TYR C 39 -1.29 1.76 17.25
C TYR C 39 -1.29 0.65 16.20
N GLN C 40 -1.11 1.01 14.94
CA GLN C 40 -1.22 0.04 13.86
C GLN C 40 -0.09 -0.99 13.94
N SER C 41 1.08 -0.57 14.42
CA SER C 41 2.20 -1.50 14.58
C SER C 41 1.88 -2.57 15.64
N VAL C 42 1.30 -2.14 16.76
CA VAL C 42 0.93 -3.08 17.81
C VAL C 42 -0.20 -4.00 17.32
N GLU C 43 -1.22 -3.45 16.69
CA GLU C 43 -2.32 -4.30 16.25
C GLU C 43 -1.82 -5.32 15.22
N GLU C 44 -0.90 -4.89 14.36
CA GLU C 44 -0.34 -5.77 13.33
C GLU C 44 0.39 -6.93 13.97
N GLU C 45 1.15 -6.67 15.03
CA GLU C 45 1.86 -7.77 15.67
C GLU C 45 0.86 -8.69 16.36
N MET C 46 -0.19 -8.09 16.93
CA MET C 46 -1.21 -8.91 17.57
C MET C 46 -1.94 -9.80 16.56
N GLN C 47 -2.39 -9.24 15.44
CA GLN C 47 -3.14 -10.02 14.47
C GLN C 47 -2.27 -11.08 13.77
N SER C 48 -1.05 -10.69 13.41
CA SER C 48 -0.24 -11.56 12.56
C SER C 48 0.34 -12.75 13.33
N THR C 49 0.37 -12.67 14.66
CA THR C 49 0.93 -13.77 15.45
C THR C 49 -0.12 -14.76 15.96
N ILE C 50 -1.36 -14.59 15.53
CA ILE C 50 -2.39 -15.58 15.79
C ILE C 50 -2.02 -16.92 15.15
N ARG C 51 -2.21 -17.99 15.92
CA ARG C 51 -1.96 -19.34 15.44
C ARG C 51 -3.10 -20.29 15.81
N GLU C 52 -3.24 -21.36 15.04
CA GLU C 52 -4.16 -22.45 15.37
C GLU C 52 -3.59 -23.23 16.54
N HIS C 53 -4.40 -23.46 17.57
CA HIS C 53 -3.92 -24.16 18.75
C HIS C 53 -4.42 -25.60 18.78
N ARG C 54 -3.64 -26.45 19.47
CA ARG C 54 -3.91 -27.88 19.48
C ARG C 54 -5.20 -28.25 20.18
N ASP C 55 -5.67 -27.41 21.11
CA ASP C 55 -6.90 -27.70 21.83
C ASP C 55 -8.14 -27.34 21.02
N GLY C 56 -7.94 -26.99 19.74
CA GLY C 56 -9.07 -26.74 18.86
C GLY C 56 -9.87 -25.51 19.22
N GLY C 57 -9.28 -24.65 20.04
CA GLY C 57 -9.92 -23.40 20.45
C GLY C 57 -10.58 -23.44 21.81
N ASN C 58 -10.46 -24.55 22.53
CA ASN C 58 -11.13 -24.72 23.81
C ASN C 58 -10.82 -23.62 24.83
N ALA C 59 -9.55 -23.30 25.01
CA ALA C 59 -9.13 -22.37 26.05
C ALA C 59 -9.42 -20.91 25.70
N GLY C 60 -9.09 -20.51 24.48
CA GLY C 60 -9.15 -19.11 24.09
C GLY C 60 -10.28 -18.76 23.13
N GLY C 61 -10.92 -19.79 22.59
CA GLY C 61 -12.00 -19.57 21.62
C GLY C 61 -11.58 -19.83 20.18
N ILE C 62 -12.57 -19.77 19.29
CA ILE C 62 -12.38 -20.03 17.87
C ILE C 62 -12.42 -18.71 17.13
N PHE C 63 -11.30 -18.35 16.51
CA PHE C 63 -11.19 -17.08 15.81
C PHE C 63 -9.92 -17.11 14.96
N ASN C 64 -9.87 -16.26 13.95
CA ASN C 64 -8.61 -16.04 13.23
C ASN C 64 -8.27 -14.55 13.14
N ARG C 65 -9.03 -13.74 13.88
CA ARG C 65 -8.87 -12.29 13.85
C ARG C 65 -9.41 -11.70 15.15
N TYR C 66 -8.80 -10.63 15.65
CA TYR C 66 -9.38 -9.82 16.74
C TYR C 66 -10.06 -8.57 16.21
N ASN C 67 -11.02 -8.07 16.99
CA ASN C 67 -11.47 -6.69 16.88
C ASN C 67 -10.81 -5.89 17.98
N VAL C 68 -9.86 -5.04 17.61
CA VAL C 68 -9.18 -4.21 18.61
C VAL C 68 -10.04 -2.98 18.91
N ILE C 69 -10.33 -2.81 20.21
CA ILE C 69 -11.20 -1.76 20.70
C ILE C 69 -10.38 -0.53 21.07
N ARG C 70 -9.25 -0.78 21.72
CA ARG C 70 -8.45 0.29 22.28
C ARG C 70 -7.02 -0.21 22.49
N ILE C 71 -6.04 0.65 22.25
CA ILE C 71 -4.64 0.37 22.61
C ILE C 71 -4.11 1.55 23.40
N GLN C 72 -3.66 1.30 24.61
CA GLN C 72 -3.16 2.35 25.49
C GLN C 72 -1.72 2.11 25.84
N LYS C 73 -0.91 3.17 25.81
CA LYS C 73 0.45 3.12 26.33
C LYS C 73 0.43 3.29 27.83
N VAL C 74 1.18 2.44 28.51
CA VAL C 74 1.30 2.51 29.97
C VAL C 74 2.52 3.32 30.33
N VAL C 75 2.29 4.42 31.04
CA VAL C 75 3.36 5.30 31.47
C VAL C 75 3.47 5.28 32.98
N ASN C 76 4.59 4.76 33.49
CA ASN C 76 4.82 4.73 34.92
C ASN C 76 6.31 4.86 35.19
N LYS C 77 6.71 6.04 35.66
CA LYS C 77 8.12 6.37 35.80
C LYS C 77 8.82 5.41 36.75
N LYS C 78 8.19 5.09 37.88
CA LYS C 78 8.83 4.21 38.86
C LYS C 78 9.05 2.81 38.30
N LEU C 79 8.02 2.25 37.65
CA LEU C 79 8.13 0.94 37.05
C LEU C 79 9.19 0.96 35.95
N ARG C 80 9.26 2.05 35.20
CA ARG C 80 10.22 2.17 34.11
C ARG C 80 11.63 2.15 34.67
N GLU C 81 11.83 2.88 35.76
CA GLU C 81 13.14 2.95 36.42
C GLU C 81 13.58 1.56 36.91
N ARG C 82 12.66 0.83 37.49
CA ARG C 82 12.97 -0.53 37.97
C ARG C 82 13.36 -1.44 36.82
N PHE C 83 12.62 -1.35 35.73
CA PHE C 83 12.86 -2.15 34.54
C PHE C 83 14.23 -1.81 33.94
N CYS C 84 14.53 -0.51 33.82
CA CYS C 84 15.76 -0.09 33.18
C CYS C 84 16.98 -0.43 34.04
N HIS C 85 16.83 -0.32 35.36
CA HIS C 85 17.92 -0.68 36.27
C HIS C 85 18.24 -2.16 36.10
N ARG C 86 17.21 -3.00 36.11
CA ARG C 86 17.42 -4.44 35.99
C ARG C 86 17.99 -4.80 34.61
N GLN C 87 17.54 -4.10 33.57
CA GLN C 87 18.04 -4.38 32.24
C GLN C 87 19.53 -4.08 32.13
N LYS C 88 19.98 -3.00 32.77
CA LYS C 88 21.41 -2.67 32.77
C LYS C 88 22.21 -3.76 33.49
N GLU C 89 21.68 -4.25 34.60
CA GLU C 89 22.32 -5.37 35.33
C GLU C 89 22.46 -6.60 34.45
N VAL C 90 21.36 -6.96 33.79
CA VAL C 90 21.35 -8.19 33.00
C VAL C 90 22.31 -8.05 31.84
N SER C 91 22.30 -6.87 31.22
CA SER C 91 23.21 -6.58 30.12
C SER C 91 24.68 -6.76 30.54
N GLU C 92 25.03 -6.25 31.71
CA GLU C 92 26.40 -6.34 32.20
C GLU C 92 26.78 -7.79 32.51
N GLU C 93 25.78 -8.59 32.87
CA GLU C 93 26.01 -9.99 33.19
C GLU C 93 26.06 -10.86 31.94
N ASN C 94 25.65 -10.31 30.80
CA ASN C 94 25.51 -11.10 29.58
C ASN C 94 26.18 -10.42 28.37
N HIS C 95 27.44 -10.04 28.53
CA HIS C 95 28.25 -9.47 27.47
C HIS C 95 27.59 -8.31 26.75
N ASN C 96 26.89 -7.47 27.53
CA ASN C 96 26.23 -6.26 27.03
C ASN C 96 25.04 -6.57 26.13
N HIS C 97 24.45 -7.75 26.28
CA HIS C 97 23.23 -8.13 25.57
C HIS C 97 22.08 -8.40 26.54
N HIS C 98 21.18 -7.44 26.70
CA HIS C 98 20.03 -7.67 27.58
C HIS C 98 18.97 -8.53 26.91
N ASN C 99 19.01 -8.66 25.59
CA ASN C 99 18.09 -9.51 24.82
CA ASN C 99 18.11 -9.55 24.88
C ASN C 99 16.63 -9.17 25.12
N GLU C 100 16.30 -7.92 24.88
CA GLU C 100 14.92 -7.49 25.05
C GLU C 100 14.08 -7.99 23.88
N ARG C 101 12.89 -8.49 24.22
CA ARG C 101 11.90 -8.92 23.24
C ARG C 101 10.56 -8.32 23.57
N MET C 102 9.80 -7.96 22.54
CA MET C 102 8.39 -7.62 22.72
C MET C 102 7.56 -8.90 22.71
N LEU C 103 6.81 -9.13 23.77
CA LEU C 103 6.07 -10.36 23.94
C LEU C 103 4.71 -10.09 24.54
N PHE C 104 3.74 -10.96 24.24
CA PHE C 104 2.42 -10.81 24.80
C PHE C 104 2.28 -11.44 26.19
N HIS C 105 1.42 -10.84 27.02
CA HIS C 105 1.03 -11.41 28.28
C HIS C 105 -0.47 -11.36 28.45
N GLY C 106 -1.04 -12.49 28.80
CA GLY C 106 -2.44 -12.59 29.16
C GLY C 106 -2.62 -13.24 30.52
N SER C 107 -3.47 -12.62 31.33
CA SER C 107 -3.87 -13.16 32.64
C SER C 107 -4.98 -12.29 33.19
N PRO C 108 -5.64 -12.75 34.27
CA PRO C 108 -6.69 -11.94 34.92
C PRO C 108 -6.19 -10.78 35.77
N PHE C 109 -4.90 -10.46 35.73
CA PHE C 109 -4.32 -9.52 36.68
C PHE C 109 -3.79 -8.26 36.01
N ILE C 110 -4.28 -7.99 34.81
CA ILE C 110 -3.78 -6.85 34.04
C ILE C 110 -3.91 -5.54 34.82
N ASN C 111 -5.00 -5.37 35.54
CA ASN C 111 -5.19 -4.11 36.21
C ASN C 111 -4.13 -3.88 37.30
N ALA C 112 -3.78 -4.94 38.02
CA ALA C 112 -2.73 -4.84 39.01
C ALA C 112 -1.37 -4.58 38.34
N ILE C 113 -1.12 -5.28 37.25
CA ILE C 113 0.19 -5.21 36.58
C ILE C 113 0.48 -3.79 36.10
N ILE C 114 -0.50 -3.11 35.51
CA ILE C 114 -0.22 -1.79 34.97
C ILE C 114 0.00 -0.74 36.06
N HIS C 115 -0.38 -1.05 37.31
CA HIS C 115 -0.18 -0.14 38.43
C HIS C 115 1.05 -0.43 39.28
N LYS C 116 1.33 -1.70 39.53
N LYS C 116 1.35 -1.69 39.56
CA LYS C 116 2.41 -2.10 40.41
CA LYS C 116 2.52 -2.01 40.39
C LYS C 116 3.44 -3.01 39.74
C LYS C 116 3.48 -2.99 39.73
N GLY C 117 3.23 -3.33 38.46
CA GLY C 117 4.14 -4.16 37.71
C GLY C 117 3.92 -5.63 37.97
N PHE C 118 4.69 -6.47 37.29
CA PHE C 118 4.65 -7.90 37.52
C PHE C 118 5.32 -8.20 38.86
N ASP C 119 4.85 -9.23 39.55
CA ASP C 119 5.33 -9.53 40.91
C ASP C 119 5.42 -11.04 41.07
N GLU C 120 6.65 -11.58 40.99
CA GLU C 120 6.82 -13.03 41.02
C GLU C 120 6.41 -13.64 42.37
N ARG C 121 6.16 -12.81 43.38
CA ARG C 121 5.68 -13.35 44.65
C ARG C 121 4.29 -13.97 44.48
N HIS C 122 3.60 -13.59 43.40
CA HIS C 122 2.31 -14.18 43.05
C HIS C 122 2.42 -15.38 42.12
N ALA C 123 3.63 -15.71 41.68
CA ALA C 123 3.83 -16.87 40.84
C ALA C 123 4.04 -18.09 41.71
N TYR C 124 3.47 -19.22 41.30
CA TYR C 124 3.58 -20.42 42.09
C TYR C 124 4.07 -21.61 41.25
N ILE C 125 4.60 -22.57 41.99
CA ILE C 125 5.50 -23.57 41.47
C ILE C 125 4.82 -24.60 40.57
N GLY C 126 3.50 -24.62 40.57
CA GLY C 126 2.75 -25.61 39.80
C GLY C 126 2.75 -25.39 38.30
N GLY C 127 3.25 -24.25 37.84
CA GLY C 127 3.27 -23.93 36.42
C GLY C 127 4.21 -24.81 35.62
N MET C 128 4.06 -24.79 34.30
CA MET C 128 4.83 -25.69 33.44
C MET C 128 6.33 -25.54 33.64
N PHE C 129 6.77 -24.31 33.90
CA PHE C 129 8.17 -24.04 34.15
C PHE C 129 8.34 -23.36 35.50
N GLY C 130 7.40 -23.66 36.40
CA GLY C 130 7.51 -23.25 37.79
C GLY C 130 7.04 -21.84 38.04
N ALA C 131 7.63 -21.22 39.05
CA ALA C 131 7.08 -20.00 39.65
C ALA C 131 7.59 -18.74 38.98
N GLY C 132 7.19 -18.58 37.73
CA GLY C 132 7.57 -17.42 36.94
C GLY C 132 6.38 -16.72 36.34
N ILE C 133 6.69 -15.70 35.57
CA ILE C 133 5.71 -14.92 34.83
C ILE C 133 5.87 -15.28 33.36
N TYR C 134 4.75 -15.61 32.71
CA TYR C 134 4.75 -16.26 31.40
C TYR C 134 4.31 -15.31 30.33
N PHE C 135 5.05 -15.33 29.23
CA PHE C 135 4.83 -14.51 28.05
C PHE C 135 4.83 -15.39 26.81
N ALA C 136 4.30 -14.85 25.70
CA ALA C 136 4.26 -15.59 24.44
C ALA C 136 4.61 -14.68 23.29
N GLU C 137 5.20 -15.24 22.24
CA GLU C 137 5.41 -14.50 20.99
C GLU C 137 4.15 -14.53 20.12
N ASN C 138 3.20 -15.40 20.46
CA ASN C 138 1.92 -15.50 19.76
C ASN C 138 0.78 -14.97 20.59
N SER C 139 0.11 -13.94 20.08
CA SER C 139 -0.94 -13.30 20.85
C SER C 139 -2.05 -14.29 21.21
N SER C 140 -2.34 -15.26 20.35
CA SER C 140 -3.42 -16.18 20.62
C SER C 140 -3.09 -17.14 21.77
N LYS C 141 -1.80 -17.36 22.02
N LYS C 141 -1.80 -17.36 22.02
CA LYS C 141 -1.39 -18.14 23.19
CA LYS C 141 -1.36 -18.14 23.18
C LYS C 141 -1.70 -17.36 24.46
C LYS C 141 -1.67 -17.37 24.46
N SER C 142 -1.34 -16.08 24.49
CA SER C 142 -1.65 -15.25 25.64
C SER C 142 -3.16 -15.14 25.86
N ASN C 143 -3.92 -15.14 24.77
CA ASN C 143 -5.38 -15.06 24.86
C ASN C 143 -5.96 -16.27 25.61
N GLN C 144 -5.25 -17.40 25.60
CA GLN C 144 -5.72 -18.59 26.31
C GLN C 144 -5.71 -18.45 27.84
N TYR C 145 -5.10 -17.38 28.34
CA TYR C 145 -4.92 -17.16 29.77
C TYR C 145 -5.72 -15.98 30.32
N VAL C 146 -6.33 -15.19 29.45
CA VAL C 146 -6.98 -13.96 29.90
C VAL C 146 -8.09 -14.22 30.94
N TYR C 147 -8.80 -15.33 30.78
CA TYR C 147 -9.89 -15.65 31.71
C TYR C 147 -9.47 -16.70 32.74
N GLY C 148 -8.17 -16.98 32.80
CA GLY C 148 -7.59 -17.92 33.75
C GLY C 148 -6.84 -19.03 33.05
N ILE C 149 -6.26 -19.95 33.81
CA ILE C 149 -5.56 -21.08 33.22
C ILE C 149 -6.52 -21.88 32.35
N GLY C 150 -6.08 -22.16 31.12
CA GLY C 150 -6.88 -22.93 30.20
C GLY C 150 -8.17 -22.22 29.84
N GLY C 151 -8.20 -20.91 30.06
CA GLY C 151 -9.37 -20.09 29.79
C GLY C 151 -10.39 -20.06 30.91
N GLY C 152 -10.12 -20.74 32.01
CA GLY C 152 -11.03 -20.74 33.13
C GLY C 152 -12.40 -21.20 32.71
N THR C 153 -13.43 -20.50 33.18
CA THR C 153 -14.80 -20.81 32.83
C THR C 153 -15.30 -19.84 31.75
N GLY C 154 -14.37 -19.11 31.15
CA GLY C 154 -14.70 -18.15 30.12
C GLY C 154 -15.12 -16.81 30.71
N CYS C 155 -15.86 -16.04 29.91
CA CYS C 155 -16.23 -14.70 30.31
C CYS C 155 -17.13 -14.74 31.55
N PRO C 156 -17.08 -13.68 32.36
CA PRO C 156 -17.89 -13.68 33.57
C PRO C 156 -19.38 -13.85 33.31
N THR C 157 -19.89 -13.20 32.28
CA THR C 157 -21.31 -13.07 32.09
C THR C 157 -21.92 -14.30 31.44
N HIS C 158 -21.25 -14.84 30.42
CA HIS C 158 -21.79 -15.95 29.63
C HIS C 158 -21.09 -17.28 29.86
N LYS C 159 -20.01 -17.27 30.63
CA LYS C 159 -19.26 -18.50 30.95
C LYS C 159 -18.88 -19.22 29.66
N ASP C 160 -18.36 -18.43 28.73
CA ASP C 160 -18.04 -18.87 27.36
C ASP C 160 -16.60 -18.52 27.06
N ARG C 161 -15.74 -19.52 26.94
CA ARG C 161 -14.35 -19.25 26.62
C ARG C 161 -14.20 -18.70 25.20
N SER C 162 -15.21 -18.91 24.35
CA SER C 162 -15.18 -18.37 22.99
C SER C 162 -16.14 -17.20 22.82
N CYS C 163 -16.41 -16.45 23.90
CA CYS C 163 -17.32 -15.33 23.79
C CYS C 163 -16.87 -14.31 22.76
N TYR C 164 -17.80 -13.92 21.89
CA TYR C 164 -17.55 -12.90 20.86
C TYR C 164 -18.09 -11.54 21.26
N ILE C 165 -18.75 -11.49 22.41
CA ILE C 165 -19.41 -10.29 22.90
C ILE C 165 -18.53 -9.55 23.92
N CYS C 166 -18.09 -10.26 24.94
CA CYS C 166 -17.39 -9.60 26.03
C CYS C 166 -15.98 -9.19 25.67
N HIS C 167 -15.52 -8.12 26.32
CA HIS C 167 -14.20 -7.56 26.05
C HIS C 167 -13.13 -8.29 26.83
N ARG C 168 -11.93 -8.30 26.25
CA ARG C 168 -10.76 -8.95 26.80
C ARG C 168 -9.63 -7.94 26.82
N GLN C 169 -8.66 -8.17 27.70
CA GLN C 169 -7.45 -7.35 27.67
C GLN C 169 -6.21 -8.23 27.71
N MET C 170 -5.18 -7.80 26.99
CA MET C 170 -3.87 -8.43 27.12
C MET C 170 -2.83 -7.33 27.04
N LEU C 171 -1.59 -7.67 27.43
CA LEU C 171 -0.48 -6.73 27.36
C LEU C 171 0.50 -7.14 26.29
N PHE C 172 1.13 -6.14 25.68
CA PHE C 172 2.26 -6.34 24.78
C PHE C 172 3.42 -5.66 25.51
N CYS C 173 4.40 -6.46 25.93
CA CYS C 173 5.37 -6.02 26.93
C CYS C 173 6.81 -6.05 26.44
N ARG C 174 7.62 -5.17 27.00
CA ARG C 174 9.08 -5.26 26.86
C ARG C 174 9.57 -6.28 27.86
N VAL C 175 10.30 -7.30 27.40
CA VAL C 175 10.78 -8.35 28.30
C VAL C 175 12.29 -8.54 28.15
N THR C 176 12.98 -8.35 29.26
CA THR C 176 14.42 -8.58 29.37
C THR C 176 14.69 -10.07 29.56
N LEU C 177 15.21 -10.72 28.52
CA LEU C 177 15.48 -12.16 28.59
C LEU C 177 16.91 -12.52 29.02
N GLY C 178 17.87 -11.66 28.76
CA GLY C 178 19.25 -11.97 29.10
C GLY C 178 19.67 -13.25 28.42
N LYS C 179 20.41 -14.08 29.15
CA LYS C 179 20.77 -15.41 28.66
C LYS C 179 19.62 -16.37 28.98
N SER C 180 18.95 -16.86 27.94
CA SER C 180 17.82 -17.77 28.14
C SER C 180 18.28 -19.22 28.25
N PHE C 181 17.63 -19.95 29.16
CA PHE C 181 17.80 -21.39 29.27
C PHE C 181 16.71 -22.08 28.46
N LEU C 182 17.09 -22.89 27.49
CA LEU C 182 16.12 -23.56 26.61
C LEU C 182 15.69 -24.88 27.22
N GLN C 183 14.38 -25.03 27.42
CA GLN C 183 13.80 -26.25 27.97
C GLN C 183 12.70 -26.75 27.04
N PHE C 184 12.53 -28.07 26.97
CA PHE C 184 11.60 -28.67 26.01
C PHE C 184 10.45 -29.40 26.68
N SER C 185 10.58 -29.63 27.98
CA SER C 185 9.52 -30.26 28.76
C SER C 185 9.40 -29.59 30.12
N THR C 186 8.32 -29.90 30.83
CA THR C 186 8.06 -29.26 32.11
C THR C 186 9.16 -29.52 33.14
N ILE C 187 9.55 -28.46 33.80
CA ILE C 187 10.47 -28.54 34.93
C ILE C 187 10.12 -27.37 35.84
N LYS C 188 9.72 -27.70 37.06
CA LYS C 188 9.16 -26.72 37.98
C LYS C 188 10.26 -26.09 38.79
N MET C 189 10.75 -24.93 38.34
CA MET C 189 11.79 -24.23 39.08
C MET C 189 11.28 -22.94 39.70
N ALA C 190 12.03 -22.50 40.70
CA ALA C 190 11.69 -21.32 41.48
C ALA C 190 12.33 -20.09 40.88
N HIS C 191 13.47 -20.27 40.25
CA HIS C 191 14.29 -19.18 39.73
C HIS C 191 14.90 -19.62 38.40
N ALA C 192 15.40 -18.68 37.61
CA ALA C 192 16.15 -19.05 36.42
C ALA C 192 17.30 -19.94 36.82
N PRO C 193 17.71 -20.86 35.92
CA PRO C 193 18.89 -21.66 36.16
C PRO C 193 20.15 -20.82 36.39
N PRO C 194 21.09 -21.36 37.16
CA PRO C 194 22.38 -20.67 37.33
C PRO C 194 22.96 -20.17 36.02
N GLY C 195 23.41 -18.92 36.02
CA GLY C 195 24.01 -18.31 34.84
C GLY C 195 23.07 -17.78 33.80
N HIS C 196 21.77 -17.88 34.06
CA HIS C 196 20.75 -17.46 33.10
C HIS C 196 19.76 -16.47 33.71
N HIS C 197 18.93 -15.88 32.86
CA HIS C 197 18.02 -14.80 33.27
C HIS C 197 16.57 -15.07 32.91
N SER C 198 16.32 -16.15 32.18
CA SER C 198 14.99 -16.49 31.72
C SER C 198 14.99 -17.94 31.28
N VAL C 199 13.80 -18.49 31.09
CA VAL C 199 13.64 -19.82 30.54
C VAL C 199 12.74 -19.70 29.31
N ILE C 200 13.10 -20.41 28.24
CA ILE C 200 12.21 -20.52 27.10
C ILE C 200 11.78 -21.96 26.91
N GLY C 201 10.47 -22.17 26.98
CA GLY C 201 9.87 -23.44 26.64
C GLY C 201 9.77 -23.44 25.15
N ARG C 202 10.61 -24.23 24.50
CA ARG C 202 10.72 -24.23 23.06
C ARG C 202 9.88 -25.34 22.44
N PRO C 203 9.30 -25.06 21.26
CA PRO C 203 8.66 -26.13 20.50
C PRO C 203 9.65 -27.24 20.16
N SER C 204 9.18 -28.47 20.15
CA SER C 204 10.03 -29.59 19.77
C SER C 204 9.14 -30.69 19.26
N VAL C 205 9.74 -31.66 18.58
CA VAL C 205 9.00 -32.81 18.11
C VAL C 205 8.47 -33.52 19.34
N ASN C 206 7.16 -33.76 19.37
CA ASN C 206 6.49 -34.38 20.51
C ASN C 206 6.55 -33.53 21.78
N GLY C 207 6.65 -32.21 21.61
CA GLY C 207 6.66 -31.28 22.74
C GLY C 207 5.71 -30.11 22.53
N LEU C 208 6.15 -28.92 22.96
CA LEU C 208 5.35 -27.70 22.84
C LEU C 208 5.07 -27.33 21.38
N ALA C 209 3.91 -26.75 21.15
CA ALA C 209 3.54 -26.29 19.81
C ALA C 209 4.10 -24.90 19.55
N TYR C 210 4.07 -24.06 20.57
CA TYR C 210 4.53 -22.67 20.47
C TYR C 210 5.37 -22.29 21.67
N ALA C 211 6.25 -21.31 21.48
CA ALA C 211 7.21 -20.93 22.53
C ALA C 211 6.54 -20.25 23.72
N GLU C 212 7.05 -20.55 24.90
CA GLU C 212 6.68 -19.84 26.12
C GLU C 212 7.94 -19.21 26.71
N TYR C 213 7.83 -17.96 27.12
CA TYR C 213 8.94 -17.21 27.68
C TYR C 213 8.66 -16.94 29.15
N VAL C 214 9.59 -17.33 30.03
CA VAL C 214 9.38 -17.23 31.47
C VAL C 214 10.48 -16.43 32.14
N ILE C 215 10.07 -15.43 32.94
CA ILE C 215 11.00 -14.71 33.80
C ILE C 215 10.61 -14.96 35.25
N TYR C 216 11.57 -14.81 36.16
CA TYR C 216 11.38 -15.16 37.56
C TYR C 216 11.60 -13.95 38.48
N ARG C 217 11.73 -12.78 37.85
CA ARG C 217 11.80 -11.47 38.52
C ARG C 217 10.88 -10.52 37.76
N GLY C 218 9.95 -9.90 38.48
CA GLY C 218 8.96 -9.03 37.85
C GLY C 218 9.57 -7.85 37.12
N GLU C 219 10.71 -7.37 37.59
CA GLU C 219 11.35 -6.19 37.02
C GLU C 219 11.99 -6.47 35.66
N GLN C 220 11.90 -7.70 35.18
CA GLN C 220 12.38 -8.01 33.84
C GLN C 220 11.29 -7.89 32.79
N ALA C 221 10.18 -7.25 33.14
CA ALA C 221 9.17 -6.95 32.13
C ALA C 221 8.51 -5.62 32.44
N TYR C 222 8.22 -4.87 31.37
CA TYR C 222 7.51 -3.61 31.45
C TYR C 222 6.25 -3.72 30.61
N PRO C 223 5.09 -3.41 31.18
CA PRO C 223 3.82 -3.59 30.46
C PRO C 223 3.53 -2.43 29.50
N GLU C 224 4.20 -2.41 28.36
CA GLU C 224 4.24 -1.25 27.49
C GLU C 224 2.87 -0.86 26.93
N TYR C 225 2.12 -1.83 26.42
CA TYR C 225 0.82 -1.55 25.80
C TYR C 225 -0.28 -2.39 26.39
N LEU C 226 -1.41 -1.74 26.65
CA LEU C 226 -2.63 -2.41 27.11
C LEU C 226 -3.61 -2.47 25.95
N ILE C 227 -3.97 -3.68 25.53
CA ILE C 227 -4.83 -3.89 24.36
C ILE C 227 -6.19 -4.39 24.82
N THR C 228 -7.25 -3.68 24.43
CA THR C 228 -8.61 -4.09 24.73
C THR C 228 -9.22 -4.59 23.44
N TYR C 229 -9.86 -5.75 23.45
CA TYR C 229 -10.23 -6.41 22.20
C TYR C 229 -11.33 -7.43 22.40
N GLN C 230 -11.90 -7.86 21.28
CA GLN C 230 -12.76 -9.02 21.25
C GLN C 230 -12.12 -10.01 20.28
N ILE C 231 -12.41 -11.29 20.46
CA ILE C 231 -12.16 -12.24 19.38
C ILE C 231 -13.34 -12.21 18.42
N MET C 232 -13.07 -12.39 17.12
CA MET C 232 -14.11 -12.31 16.12
C MET C 232 -14.52 -13.69 15.66
N LYS C 233 -15.82 -13.85 15.45
CA LYS C 233 -16.37 -15.10 14.96
C LYS C 233 -15.99 -15.30 13.51
N PRO C 234 -15.40 -16.45 13.17
CA PRO C 234 -15.13 -16.70 11.74
C PRO C 234 -16.40 -16.75 10.91
N GLY D 26 -10.89 48.19 -22.58
CA GLY D 26 -10.24 49.07 -21.63
C GLY D 26 -9.00 48.44 -21.01
N THR D 27 -8.90 47.13 -21.06
CA THR D 27 -7.81 46.41 -20.39
C THR D 27 -6.51 46.42 -21.18
N ILE D 28 -5.43 46.67 -20.45
CA ILE D 28 -4.06 46.53 -20.94
C ILE D 28 -3.34 45.48 -20.06
N LEU D 29 -2.56 44.60 -20.68
CA LEU D 29 -1.76 43.64 -19.95
C LEU D 29 -0.30 44.04 -20.06
N LEU D 30 0.32 44.33 -18.93
CA LEU D 30 1.73 44.67 -18.89
C LEU D 30 2.52 43.42 -18.56
N ASP D 31 3.27 42.91 -19.52
CA ASP D 31 4.08 41.72 -19.29
C ASP D 31 5.27 42.10 -18.41
N LEU D 32 5.43 41.41 -17.29
CA LEU D 32 6.54 41.69 -16.37
C LEU D 32 7.75 40.85 -16.71
N ALA D 33 8.93 41.47 -16.72
CA ALA D 33 10.17 40.73 -16.90
C ALA D 33 10.44 39.83 -15.69
N PRO D 34 10.99 38.63 -15.92
CA PRO D 34 11.32 37.77 -14.78
C PRO D 34 12.31 38.44 -13.82
N GLU D 35 13.14 39.35 -14.31
CA GLU D 35 14.11 40.04 -13.46
C GLU D 35 13.42 41.12 -12.60
N ASP D 36 12.17 41.42 -12.90
CA ASP D 36 11.40 42.40 -12.13
C ASP D 36 11.07 41.86 -10.74
N LYS D 37 11.35 42.65 -9.72
CA LYS D 37 11.08 42.23 -8.35
C LYS D 37 9.60 41.97 -8.12
N GLU D 38 8.73 42.68 -8.83
CA GLU D 38 7.29 42.48 -8.69
C GLU D 38 6.89 41.10 -9.21
N TYR D 39 7.46 40.72 -10.35
CA TYR D 39 7.30 39.38 -10.89
C TYR D 39 7.75 38.34 -9.88
N GLN D 40 8.92 38.57 -9.28
CA GLN D 40 9.49 37.58 -8.40
C GLN D 40 8.68 37.44 -7.13
N SER D 41 8.08 38.54 -6.68
CA SER D 41 7.21 38.53 -5.50
C SER D 41 5.96 37.68 -5.75
N VAL D 42 5.36 37.88 -6.90
CA VAL D 42 4.17 37.12 -7.26
C VAL D 42 4.51 35.64 -7.40
N GLU D 43 5.58 35.31 -8.11
CA GLU D 43 5.91 33.90 -8.25
C GLU D 43 6.20 33.26 -6.88
N GLU D 44 6.90 33.98 -6.01
CA GLU D 44 7.20 33.46 -4.69
C GLU D 44 5.91 33.10 -3.93
N GLU D 45 4.91 33.97 -3.97
CA GLU D 45 3.66 33.70 -3.27
C GLU D 45 2.98 32.50 -3.90
N MET D 46 3.03 32.44 -5.22
CA MET D 46 2.44 31.31 -5.92
C MET D 46 3.13 30.01 -5.53
N GLN D 47 4.46 29.97 -5.60
CA GLN D 47 5.17 28.74 -5.29
C GLN D 47 5.10 28.37 -3.80
N SER D 48 5.21 29.35 -2.91
CA SER D 48 5.33 29.03 -1.49
C SER D 48 3.99 28.61 -0.88
N THR D 49 2.89 28.85 -1.59
CA THR D 49 1.58 28.51 -1.02
C THR D 49 1.02 27.20 -1.56
N ILE D 50 1.81 26.49 -2.35
CA ILE D 50 1.43 25.14 -2.76
C ILE D 50 1.32 24.24 -1.55
N ARG D 51 0.28 23.42 -1.55
CA ARG D 51 0.04 22.46 -0.49
C ARG D 51 -0.32 21.11 -1.09
N GLU D 52 -0.13 20.06 -0.31
CA GLU D 52 -0.63 18.75 -0.70
C GLU D 52 -2.10 18.70 -0.42
N HIS D 53 -2.89 18.28 -1.42
CA HIS D 53 -4.34 18.27 -1.26
C HIS D 53 -4.85 16.86 -0.95
N ARG D 54 -5.99 16.82 -0.28
CA ARG D 54 -6.50 15.57 0.28
C ARG D 54 -7.04 14.62 -0.79
N ASP D 55 -7.17 15.12 -2.01
CA ASP D 55 -7.70 14.30 -3.11
C ASP D 55 -6.58 13.57 -3.85
N GLY D 56 -5.37 13.63 -3.32
CA GLY D 56 -4.25 12.90 -3.91
C GLY D 56 -3.80 13.46 -5.25
N GLY D 57 -4.23 14.67 -5.57
CA GLY D 57 -3.91 15.30 -6.84
C GLY D 57 -4.93 15.14 -7.94
N ASN D 58 -6.08 14.54 -7.64
CA ASN D 58 -7.06 14.25 -8.67
C ASN D 58 -7.50 15.50 -9.42
N ALA D 59 -7.83 16.57 -8.70
CA ALA D 59 -8.44 17.73 -9.34
C ALA D 59 -7.41 18.58 -10.09
N GLY D 60 -6.29 18.86 -9.44
CA GLY D 60 -5.32 19.82 -9.95
C GLY D 60 -4.03 19.23 -10.49
N GLY D 61 -3.80 17.95 -10.23
CA GLY D 61 -2.59 17.28 -10.68
C GLY D 61 -1.61 17.00 -9.55
N ILE D 62 -0.58 16.23 -9.87
CA ILE D 62 0.49 15.89 -8.93
C ILE D 62 1.71 16.74 -9.23
N PHE D 63 2.10 17.57 -8.25
CA PHE D 63 3.22 18.49 -8.43
C PHE D 63 3.61 19.11 -7.10
N ASN D 64 4.86 19.58 -7.00
CA ASN D 64 5.29 20.39 -5.86
C ASN D 64 5.83 21.75 -6.25
N ARG D 65 5.73 22.07 -7.54
N ARG D 65 5.86 22.05 -7.56
CA ARG D 65 6.32 23.27 -8.10
CA ARG D 65 6.29 23.35 -8.05
C ARG D 65 5.62 23.65 -9.41
C ARG D 65 5.66 23.65 -9.41
N TYR D 66 5.53 24.94 -9.73
CA TYR D 66 5.10 25.39 -11.03
C TYR D 66 6.26 25.82 -11.91
N ASN D 67 6.07 25.73 -13.22
CA ASN D 67 6.91 26.44 -14.15
C ASN D 67 6.14 27.68 -14.58
N VAL D 68 6.56 28.86 -14.13
CA VAL D 68 5.87 30.08 -14.51
C VAL D 68 6.39 30.56 -15.86
N ILE D 69 5.47 30.77 -16.77
CA ILE D 69 5.77 31.13 -18.14
C ILE D 69 5.70 32.64 -18.31
N ARG D 70 4.69 33.27 -17.69
CA ARG D 70 4.46 34.68 -17.88
C ARG D 70 3.69 35.23 -16.69
N ILE D 71 4.00 36.45 -16.27
CA ILE D 71 3.15 37.17 -15.31
C ILE D 71 2.86 38.56 -15.88
N GLN D 72 1.58 38.87 -15.98
CA GLN D 72 1.10 40.13 -16.55
C GLN D 72 0.29 40.91 -15.54
N LYS D 73 0.58 42.20 -15.40
CA LYS D 73 -0.28 43.10 -14.62
C LYS D 73 -1.49 43.53 -15.45
N VAL D 74 -2.68 43.46 -14.84
CA VAL D 74 -3.92 43.87 -15.48
C VAL D 74 -4.28 45.31 -15.15
N VAL D 75 -4.28 46.16 -16.17
CA VAL D 75 -4.53 47.57 -16.01
C VAL D 75 -5.87 47.89 -16.66
N ASN D 76 -6.85 48.27 -15.85
CA ASN D 76 -8.15 48.67 -16.33
C ASN D 76 -8.72 49.73 -15.40
N LYS D 77 -8.73 50.98 -15.85
CA LYS D 77 -9.12 52.10 -15.02
C LYS D 77 -10.56 51.97 -14.52
N LYS D 78 -11.48 51.57 -15.40
CA LYS D 78 -12.87 51.44 -14.99
C LYS D 78 -13.07 50.40 -13.91
N LEU D 79 -12.44 49.24 -14.07
CA LEU D 79 -12.61 48.17 -13.11
C LEU D 79 -11.98 48.58 -11.79
N ARG D 80 -10.84 49.28 -11.86
CA ARG D 80 -10.17 49.79 -10.69
C ARG D 80 -11.08 50.75 -9.94
N GLU D 81 -11.75 51.63 -10.66
CA GLU D 81 -12.62 52.61 -10.02
C GLU D 81 -13.76 51.93 -9.28
N ARG D 82 -14.34 50.91 -9.91
CA ARG D 82 -15.41 50.11 -9.30
C ARG D 82 -14.94 49.44 -8.02
N PHE D 83 -13.75 48.85 -8.09
CA PHE D 83 -13.15 48.17 -6.96
C PHE D 83 -12.90 49.14 -5.82
N CYS D 84 -12.32 50.29 -6.14
CA CYS D 84 -11.96 51.26 -5.13
C CYS D 84 -13.20 51.87 -4.47
N HIS D 85 -14.24 52.14 -5.26
CA HIS D 85 -15.50 52.66 -4.73
C HIS D 85 -16.11 51.68 -3.74
N ARG D 86 -16.16 50.41 -4.11
CA ARG D 86 -16.72 49.41 -3.23
C ARG D 86 -15.88 49.26 -1.96
N GLN D 87 -14.56 49.32 -2.10
CA GLN D 87 -13.68 49.13 -0.96
C GLN D 87 -13.93 50.23 0.07
N LYS D 88 -14.13 51.45 -0.41
CA LYS D 88 -14.39 52.58 0.50
C LYS D 88 -15.72 52.39 1.23
N GLU D 89 -16.74 51.93 0.53
CA GLU D 89 -18.02 51.58 1.15
C GLU D 89 -17.85 50.55 2.26
N VAL D 90 -17.17 49.46 1.94
CA VAL D 90 -16.96 48.39 2.90
C VAL D 90 -16.20 48.90 4.12
N SER D 91 -15.14 49.65 3.86
CA SER D 91 -14.34 50.25 4.93
C SER D 91 -15.21 51.03 5.90
N GLU D 92 -16.05 51.91 5.36
CA GLU D 92 -16.94 52.73 6.18
C GLU D 92 -17.92 51.88 6.98
N GLU D 93 -18.29 50.72 6.44
CA GLU D 93 -19.23 49.84 7.13
C GLU D 93 -18.55 48.93 8.15
N ASN D 94 -17.23 48.89 8.13
CA ASN D 94 -16.48 47.98 8.98
C ASN D 94 -15.35 48.70 9.73
N HIS D 95 -15.71 49.77 10.44
CA HIS D 95 -14.77 50.49 11.32
C HIS D 95 -13.46 50.82 10.62
N ASN D 96 -13.58 51.14 9.34
CA ASN D 96 -12.50 51.65 8.53
C ASN D 96 -11.43 50.59 8.22
N HIS D 97 -11.86 49.32 8.28
CA HIS D 97 -11.05 48.18 7.88
C HIS D 97 -11.71 47.46 6.72
N HIS D 98 -11.18 47.66 5.53
CA HIS D 98 -11.73 47.00 4.35
C HIS D 98 -11.21 45.56 4.25
N ASN D 99 -10.13 45.28 4.98
CA ASN D 99 -9.53 43.94 5.05
CA ASN D 99 -9.60 43.92 5.07
C ASN D 99 -9.26 43.39 3.67
N GLU D 100 -8.45 44.13 2.92
CA GLU D 100 -7.99 43.64 1.62
C GLU D 100 -6.97 42.53 1.81
N ARG D 101 -7.11 41.46 1.01
CA ARG D 101 -6.16 40.36 1.02
C ARG D 101 -5.78 40.04 -0.41
N MET D 102 -4.53 39.66 -0.61
CA MET D 102 -4.12 39.12 -1.90
C MET D 102 -4.42 37.62 -1.92
N LEU D 103 -5.22 37.18 -2.90
CA LEU D 103 -5.71 35.81 -2.97
C LEU D 103 -5.69 35.30 -4.41
N PHE D 104 -5.53 34.00 -4.56
CA PHE D 104 -5.54 33.39 -5.89
C PHE D 104 -6.96 33.07 -6.35
N HIS D 105 -7.16 33.08 -7.66
CA HIS D 105 -8.41 32.64 -8.27
C HIS D 105 -8.12 31.78 -9.48
N GLY D 106 -8.79 30.63 -9.53
CA GLY D 106 -8.78 29.80 -10.72
C GLY D 106 -10.16 29.51 -11.22
N SER D 107 -10.33 29.62 -12.53
CA SER D 107 -11.57 29.22 -13.19
C SER D 107 -11.34 29.26 -14.70
N PRO D 108 -12.28 28.66 -15.48
CA PRO D 108 -12.19 28.75 -16.96
C PRO D 108 -12.51 30.11 -17.56
N PHE D 109 -12.70 31.15 -16.74
CA PHE D 109 -13.26 32.40 -17.22
C PHE D 109 -12.31 33.58 -17.12
N ILE D 110 -11.01 33.29 -17.02
CA ILE D 110 -10.03 34.35 -16.82
C ILE D 110 -10.07 35.43 -17.91
N ASN D 111 -10.25 35.03 -19.17
CA ASN D 111 -10.31 36.02 -20.22
C ASN D 111 -11.46 37.03 -20.03
N ALA D 112 -12.62 36.56 -19.59
CA ALA D 112 -13.74 37.45 -19.36
C ALA D 112 -13.44 38.33 -18.16
N ILE D 113 -12.88 37.74 -17.11
CA ILE D 113 -12.62 38.46 -15.87
C ILE D 113 -11.68 39.64 -16.07
N ILE D 114 -10.62 39.46 -16.86
CA ILE D 114 -9.66 40.55 -17.03
C ILE D 114 -10.16 41.67 -17.92
N HIS D 115 -11.25 41.45 -18.65
CA HIS D 115 -11.88 42.51 -19.46
C HIS D 115 -13.09 43.17 -18.81
N LYS D 116 -13.93 42.40 -18.13
CA LYS D 116 -15.17 42.94 -17.57
C LYS D 116 -15.27 42.78 -16.05
N GLY D 117 -14.29 42.11 -15.47
CA GLY D 117 -14.27 41.88 -14.03
C GLY D 117 -15.09 40.68 -13.63
N PHE D 118 -15.04 40.38 -12.34
CA PHE D 118 -15.83 39.33 -11.76
C PHE D 118 -17.30 39.77 -11.78
N ASP D 119 -18.20 38.82 -11.99
CA ASP D 119 -19.63 39.14 -12.16
C ASP D 119 -20.45 38.04 -11.48
N GLU D 120 -20.96 38.32 -10.28
CA GLU D 120 -21.67 37.32 -9.50
C GLU D 120 -22.96 36.83 -10.17
N ARG D 121 -23.43 37.54 -11.20
CA ARG D 121 -24.60 37.08 -11.93
C ARG D 121 -24.32 35.73 -12.59
N HIS D 122 -23.05 35.37 -12.73
CA HIS D 122 -22.65 34.07 -13.26
C HIS D 122 -22.43 33.03 -12.19
N ALA D 123 -22.63 33.42 -10.93
CA ALA D 123 -22.43 32.52 -9.80
C ALA D 123 -23.77 31.95 -9.40
N TYR D 124 -23.80 30.64 -9.17
CA TYR D 124 -25.07 29.98 -8.83
C TYR D 124 -25.00 29.20 -7.52
N ILE D 125 -26.20 28.99 -6.99
CA ILE D 125 -26.41 28.62 -5.60
C ILE D 125 -25.87 27.24 -5.27
N GLY D 126 -25.52 26.45 -6.29
CA GLY D 126 -25.10 25.08 -6.08
C GLY D 126 -23.76 24.90 -5.40
N GLY D 127 -22.92 25.94 -5.42
CA GLY D 127 -21.58 25.86 -4.85
C GLY D 127 -21.55 25.53 -3.37
N MET D 128 -20.39 25.15 -2.89
CA MET D 128 -20.21 24.78 -1.47
C MET D 128 -20.68 25.87 -0.52
N PHE D 129 -20.42 27.12 -0.88
CA PHE D 129 -20.90 28.25 -0.08
C PHE D 129 -21.80 29.14 -0.92
N GLY D 130 -22.46 28.55 -1.92
CA GLY D 130 -23.46 29.25 -2.69
C GLY D 130 -22.93 30.10 -3.83
N ALA D 131 -23.72 31.13 -4.16
CA ALA D 131 -23.58 31.89 -5.40
C ALA D 131 -22.59 33.02 -5.26
N GLY D 132 -21.36 32.66 -4.98
CA GLY D 132 -20.29 33.63 -4.87
C GLY D 132 -19.15 33.31 -5.79
N ILE D 133 -18.12 34.14 -5.68
CA ILE D 133 -16.89 34.02 -6.41
C ILE D 133 -15.83 33.58 -5.41
N TYR D 134 -15.12 32.52 -5.76
CA TYR D 134 -14.26 31.80 -4.84
C TYR D 134 -12.79 32.10 -5.07
N PHE D 135 -12.09 32.35 -3.97
CA PHE D 135 -10.65 32.60 -3.95
C PHE D 135 -9.99 31.72 -2.91
N ALA D 136 -8.66 31.61 -3.01
CA ALA D 136 -7.89 30.77 -2.10
C ALA D 136 -6.61 31.47 -1.68
N GLU D 137 -6.13 31.20 -0.46
CA GLU D 137 -4.82 31.70 -0.05
C GLU D 137 -3.70 30.78 -0.54
N ASN D 138 -4.07 29.57 -1.00
CA ASN D 138 -3.11 28.59 -1.53
C ASN D 138 -3.29 28.46 -3.02
N SER D 139 -2.24 28.79 -3.77
CA SER D 139 -2.33 28.76 -5.22
C SER D 139 -2.75 27.38 -5.73
N SER D 140 -2.34 26.33 -5.05
CA SER D 140 -2.64 24.99 -5.52
C SER D 140 -4.12 24.65 -5.34
N LYS D 141 -4.81 25.34 -4.43
CA LYS D 141 -6.26 25.21 -4.33
C LYS D 141 -6.94 25.82 -5.57
N SER D 142 -6.53 27.02 -5.95
CA SER D 142 -7.07 27.66 -7.14
C SER D 142 -6.76 26.85 -8.39
N ASN D 143 -5.58 26.22 -8.44
CA ASN D 143 -5.24 25.36 -9.57
C ASN D 143 -6.24 24.21 -9.77
N GLN D 144 -6.95 23.82 -8.72
CA GLN D 144 -7.95 22.76 -8.81
C GLN D 144 -9.19 23.18 -9.61
N TYR D 145 -9.32 24.47 -9.91
CA TYR D 145 -10.51 25.00 -10.57
C TYR D 145 -10.24 25.52 -11.98
N VAL D 146 -8.98 25.57 -12.39
CA VAL D 146 -8.63 26.21 -13.65
C VAL D 146 -9.31 25.55 -14.87
N TYR D 147 -9.44 24.23 -14.82
CA TYR D 147 -10.09 23.50 -15.89
C TYR D 147 -11.56 23.14 -15.53
N GLY D 148 -12.09 23.75 -14.48
CA GLY D 148 -13.46 23.51 -14.09
C GLY D 148 -13.55 23.09 -12.64
N ILE D 149 -14.76 22.94 -12.13
CA ILE D 149 -14.94 22.46 -10.77
C ILE D 149 -14.38 21.05 -10.70
N GLY D 150 -13.56 20.81 -9.69
CA GLY D 150 -12.95 19.51 -9.53
C GLY D 150 -11.95 19.18 -10.61
N GLY D 151 -11.47 20.21 -11.30
CA GLY D 151 -10.50 20.03 -12.37
C GLY D 151 -11.16 19.70 -13.69
N GLY D 152 -12.49 19.65 -13.69
CA GLY D 152 -13.22 19.30 -14.90
C GLY D 152 -12.75 17.98 -15.49
N THR D 153 -12.45 18.00 -16.79
CA THR D 153 -11.93 16.84 -17.49
C THR D 153 -10.46 17.05 -17.83
N GLY D 154 -9.86 18.06 -17.21
CA GLY D 154 -8.44 18.34 -17.42
C GLY D 154 -8.22 19.18 -18.65
N CYS D 155 -7.00 19.14 -19.19
CA CYS D 155 -6.66 19.99 -20.30
C CYS D 155 -7.49 19.66 -21.54
N PRO D 156 -7.68 20.64 -22.43
CA PRO D 156 -8.50 20.36 -23.62
C PRO D 156 -7.94 19.24 -24.51
N THR D 157 -6.63 19.20 -24.71
CA THR D 157 -6.04 18.32 -25.71
C THR D 157 -5.87 16.89 -25.21
N HIS D 158 -5.41 16.72 -23.98
CA HIS D 158 -5.10 15.40 -23.46
C HIS D 158 -6.10 14.88 -22.43
N LYS D 159 -7.03 15.73 -21.98
CA LYS D 159 -8.07 15.35 -21.01
C LYS D 159 -7.39 14.83 -19.72
N ASP D 160 -6.36 15.55 -19.30
CA ASP D 160 -5.48 15.12 -18.21
C ASP D 160 -5.47 16.24 -17.17
N ARG D 161 -6.08 15.98 -16.01
CA ARG D 161 -6.07 16.96 -14.93
C ARG D 161 -4.67 17.18 -14.38
N SER D 162 -3.75 16.26 -14.64
CA SER D 162 -2.37 16.44 -14.21
C SER D 162 -1.44 16.68 -15.39
N CYS D 163 -1.96 17.30 -16.45
CA CYS D 163 -1.13 17.54 -17.62
C CYS D 163 0.07 18.41 -17.28
N TYR D 164 1.26 17.96 -17.70
CA TYR D 164 2.49 18.74 -17.50
C TYR D 164 2.90 19.49 -18.75
N ILE D 165 2.10 19.34 -19.82
CA ILE D 165 2.41 19.94 -21.12
C ILE D 165 1.64 21.25 -21.34
N CYS D 166 0.34 21.20 -21.17
CA CYS D 166 -0.50 22.32 -21.54
C CYS D 166 -0.40 23.44 -20.52
N HIS D 167 -0.57 24.66 -21.00
CA HIS D 167 -0.46 25.85 -20.18
C HIS D 167 -1.76 26.12 -19.44
N ARG D 168 -1.60 26.68 -18.25
CA ARG D 168 -2.70 27.02 -17.37
C ARG D 168 -2.62 28.49 -17.04
N GLN D 169 -3.76 29.06 -16.65
CA GLN D 169 -3.77 30.40 -16.11
C GLN D 169 -4.52 30.51 -14.80
N MET D 170 -4.00 31.32 -13.90
CA MET D 170 -4.75 31.72 -12.71
C MET D 170 -4.50 33.20 -12.47
N LEU D 171 -5.29 33.77 -11.56
CA LEU D 171 -5.16 35.16 -11.18
C LEU D 171 -4.70 35.29 -9.76
N PHE D 172 -3.92 36.34 -9.49
CA PHE D 172 -3.58 36.75 -8.12
C PHE D 172 -4.26 38.11 -7.93
N CYS D 173 -5.27 38.13 -7.05
CA CYS D 173 -6.24 39.22 -6.98
C CYS D 173 -6.20 39.99 -5.66
N ARG D 174 -6.61 41.26 -5.71
CA ARG D 174 -6.90 42.04 -4.51
C ARG D 174 -8.34 41.77 -4.18
N VAL D 175 -8.61 41.35 -2.95
CA VAL D 175 -9.97 40.99 -2.56
C VAL D 175 -10.36 41.74 -1.30
N THR D 176 -11.42 42.53 -1.41
CA THR D 176 -12.02 43.24 -0.28
C THR D 176 -12.90 42.30 0.54
N LEU D 177 -12.45 41.90 1.72
CA LEU D 177 -13.20 40.96 2.53
C LEU D 177 -14.13 41.63 3.56
N GLY D 178 -13.82 42.85 3.95
CA GLY D 178 -14.58 43.50 5.01
C GLY D 178 -14.70 42.57 6.21
N LYS D 179 -15.92 42.45 6.74
CA LYS D 179 -16.18 41.54 7.86
C LYS D 179 -16.54 40.17 7.32
N SER D 180 -15.70 39.18 7.60
CA SER D 180 -15.93 37.82 7.12
C SER D 180 -16.73 36.99 8.12
N PHE D 181 -17.67 36.23 7.58
CA PHE D 181 -18.44 35.22 8.31
C PHE D 181 -17.72 33.90 8.18
N LEU D 182 -17.35 33.30 9.32
CA LEU D 182 -16.66 32.03 9.33
C LEU D 182 -17.63 30.86 9.28
N GLN D 183 -17.43 30.01 8.27
CA GLN D 183 -18.31 28.87 8.02
C GLN D 183 -17.46 27.61 7.95
N PHE D 184 -17.92 26.53 8.57
CA PHE D 184 -17.10 25.32 8.67
C PHE D 184 -17.64 24.17 7.82
N SER D 185 -18.86 24.32 7.32
CA SER D 185 -19.48 23.31 6.47
C SER D 185 -20.31 23.96 5.37
N THR D 186 -20.75 23.16 4.40
CA THR D 186 -21.49 23.69 3.26
C THR D 186 -22.78 24.38 3.70
N ILE D 187 -22.97 25.59 3.17
CA ILE D 187 -24.21 26.32 3.33
C ILE D 187 -24.39 27.14 2.07
N LYS D 188 -25.50 26.94 1.38
CA LYS D 188 -25.68 27.52 0.07
C LYS D 188 -26.38 28.86 0.17
N MET D 189 -25.61 29.94 0.29
CA MET D 189 -26.24 31.25 0.37
C MET D 189 -26.11 32.06 -0.90
N ALA D 190 -26.96 33.05 -1.00
CA ALA D 190 -27.04 33.88 -2.19
C ALA D 190 -26.17 35.11 -2.06
N HIS D 191 -26.07 35.59 -0.82
CA HIS D 191 -25.35 36.80 -0.48
C HIS D 191 -24.61 36.60 0.82
N ALA D 192 -23.74 37.53 1.16
CA ALA D 192 -23.04 37.45 2.44
C ALA D 192 -24.09 37.54 3.54
N PRO D 193 -23.83 36.90 4.69
CA PRO D 193 -24.77 37.03 5.80
C PRO D 193 -24.95 38.49 6.26
N PRO D 194 -26.10 38.81 6.85
CA PRO D 194 -26.31 40.17 7.36
C PRO D 194 -25.13 40.66 8.19
N GLY D 195 -24.70 41.89 7.92
CA GLY D 195 -23.63 42.51 8.67
C GLY D 195 -22.24 42.16 8.19
N HIS D 196 -22.15 41.31 7.16
CA HIS D 196 -20.85 40.82 6.71
C HIS D 196 -20.67 41.13 5.23
N HIS D 197 -19.43 40.96 4.76
CA HIS D 197 -19.07 41.31 3.38
C HIS D 197 -18.43 40.15 2.62
N SER D 198 -18.21 39.04 3.31
CA SER D 198 -17.60 37.87 2.73
C SER D 198 -17.81 36.67 3.63
N VAL D 199 -17.52 35.50 3.09
CA VAL D 199 -17.59 34.25 3.81
C VAL D 199 -16.24 33.57 3.71
N ILE D 200 -15.75 33.01 4.81
CA ILE D 200 -14.57 32.16 4.75
C ILE D 200 -14.96 30.75 5.18
N GLY D 201 -14.75 29.81 4.27
CA GLY D 201 -14.86 28.40 4.60
C GLY D 201 -13.56 28.03 5.28
N ARG D 202 -13.62 27.75 6.58
CA ARG D 202 -12.43 27.53 7.38
C ARG D 202 -12.14 26.06 7.60
N PRO D 203 -10.85 25.71 7.66
CA PRO D 203 -10.48 24.34 8.06
C PRO D 203 -10.96 24.02 9.46
N SER D 204 -11.45 22.80 9.65
CA SER D 204 -11.82 22.32 10.97
C SER D 204 -11.51 20.84 11.03
N VAL D 205 -11.53 20.27 12.23
CA VAL D 205 -11.34 18.83 12.38
C VAL D 205 -12.51 18.16 11.67
N ASN D 206 -12.20 17.17 10.82
CA ASN D 206 -13.21 16.47 10.03
C ASN D 206 -13.97 17.41 9.10
N GLY D 207 -13.31 18.48 8.68
CA GLY D 207 -13.90 19.46 7.78
C GLY D 207 -12.95 19.83 6.65
N LEU D 208 -12.93 21.11 6.27
CA LEU D 208 -12.07 21.58 5.19
C LEU D 208 -10.59 21.48 5.58
N ALA D 209 -9.71 21.40 4.58
CA ALA D 209 -8.26 21.36 4.82
C ALA D 209 -7.63 22.73 4.67
N TYR D 210 -8.13 23.50 3.72
CA TYR D 210 -7.55 24.80 3.39
C TYR D 210 -8.66 25.83 3.22
N ALA D 211 -8.36 27.07 3.57
CA ALA D 211 -9.36 28.13 3.58
C ALA D 211 -9.80 28.50 2.19
N GLU D 212 -11.09 28.78 2.06
CA GLU D 212 -11.65 29.31 0.83
C GLU D 212 -12.40 30.59 1.15
N TYR D 213 -12.20 31.59 0.31
CA TYR D 213 -12.71 32.93 0.55
C TYR D 213 -13.78 33.21 -0.51
N VAL D 214 -14.95 33.67 -0.08
CA VAL D 214 -16.06 33.86 -1.00
C VAL D 214 -16.61 35.27 -0.88
N ILE D 215 -16.70 35.94 -2.02
CA ILE D 215 -17.41 37.21 -2.11
C ILE D 215 -18.64 37.04 -2.99
N TYR D 216 -19.64 37.88 -2.73
CA TYR D 216 -20.94 37.79 -3.43
C TYR D 216 -21.25 39.03 -4.25
N ARG D 217 -20.26 39.91 -4.37
CA ARG D 217 -20.29 41.07 -5.27
C ARG D 217 -18.98 41.10 -6.04
N GLY D 218 -19.05 41.10 -7.36
CA GLY D 218 -17.86 41.09 -8.18
C GLY D 218 -16.93 42.28 -7.95
N GLU D 219 -17.48 43.42 -7.55
CA GLU D 219 -16.67 44.61 -7.36
C GLU D 219 -15.76 44.53 -6.12
N GLN D 220 -15.86 43.44 -5.36
CA GLN D 220 -14.98 43.25 -4.22
C GLN D 220 -13.70 42.49 -4.57
N ALA D 221 -13.43 42.27 -5.85
CA ALA D 221 -12.13 41.73 -6.26
C ALA D 221 -11.61 42.45 -7.49
N TYR D 222 -10.30 42.67 -7.53
CA TYR D 222 -9.65 43.21 -8.72
C TYR D 222 -8.60 42.20 -9.18
N PRO D 223 -8.62 41.85 -10.48
CA PRO D 223 -7.71 40.85 -11.03
C PRO D 223 -6.31 41.42 -11.32
N GLU D 224 -5.53 41.63 -10.27
CA GLU D 224 -4.26 42.33 -10.35
C GLU D 224 -3.24 41.69 -11.30
N TYR D 225 -3.02 40.39 -11.13
CA TYR D 225 -1.98 39.66 -11.89
C TYR D 225 -2.55 38.46 -12.60
N LEU D 226 -2.14 38.29 -13.86
CA LEU D 226 -2.50 37.13 -14.65
C LEU D 226 -1.26 36.25 -14.79
N ILE D 227 -1.34 35.03 -14.27
CA ILE D 227 -0.19 34.11 -14.24
C ILE D 227 -0.41 32.98 -15.23
N THR D 228 0.54 32.80 -16.15
CA THR D 228 0.50 31.69 -17.09
C THR D 228 1.56 30.72 -16.66
N TYR D 229 1.24 29.44 -16.58
CA TYR D 229 2.13 28.48 -15.93
C TYR D 229 1.84 27.05 -16.38
N GLN D 230 2.77 26.16 -16.04
CA GLN D 230 2.55 24.74 -16.09
C GLN D 230 2.77 24.19 -14.68
N ILE D 231 2.14 23.07 -14.38
CA ILE D 231 2.56 22.31 -13.20
C ILE D 231 3.75 21.44 -13.63
N MET D 232 4.68 21.20 -12.72
CA MET D 232 5.88 20.43 -13.06
C MET D 232 5.83 19.02 -12.52
N LYS D 233 6.29 18.05 -13.30
CA LYS D 233 6.31 16.67 -12.85
C LYS D 233 7.37 16.56 -11.75
N PRO D 234 7.01 15.98 -10.57
CA PRO D 234 8.02 15.81 -9.51
C PRO D 234 9.17 14.88 -9.90
ZN ZN E . -25.55 10.61 -16.51
C01 IW8 F . -8.65 -5.31 -15.94
C02 IW8 F . -9.36 -6.24 -16.62
C03 IW8 F . -9.66 -6.18 -17.88
C04 IW8 F . -9.27 -5.17 -18.57
C05 IW8 F . -8.59 -4.22 -18.03
C06 IW8 F . -8.30 -4.31 -16.69
C07 IW8 F . -9.53 -5.01 -19.98
C08 IW8 F . -8.85 -3.72 -20.15
N01 IW8 F . -8.30 -3.34 -18.85
BR IW8 F . -9.64 -8.02 -16.15
S IW8 F . -8.30 -5.41 -14.16
N02 IW8 F . -8.03 -3.90 -13.68
O01 IW8 F . -7.23 -6.23 -13.81
O02 IW8 F . -9.52 -5.68 -13.67
C09 IW8 F . -7.70 -2.31 -18.79
O03 IW8 F . -7.23 -1.92 -17.80
C10 IW8 F . -7.43 -1.32 -19.93
C11 IW8 F . -6.70 -3.46 -13.45
C12 IW8 F . -6.71 -2.74 -12.14
C13 IW8 F . -7.76 -1.59 -12.18
C14 IW8 F . -9.09 -2.48 -12.22
C15 IW8 F . -9.24 -3.15 -13.53
C16 IW8 F . -7.76 -1.01 -10.74
N IW8 F . -8.07 0.35 -10.70
O IW8 F . -7.54 -1.64 -9.75
C17 IW8 F . -8.35 1.18 -11.81
C18 IW8 F . -8.09 1.02 -9.38
C19 IW8 F . -9.38 0.88 -8.71
C20 IW8 F . -7.62 1.50 -12.83
C21 IW8 F . -8.12 2.29 -13.73
C22 IW8 F . -9.30 2.86 -13.79
C23 IW8 F . -10.04 2.54 -12.74
C24 IW8 F . -9.51 1.68 -11.78
C IW8 F . -7.23 2.58 -14.84
CL CL G . -33.44 -15.92 2.09
CL CL H . -11.24 10.04 1.02
CL CL I . -32.52 -1.66 -15.48
CL CL J . -18.70 -20.47 -8.74
CL CL K . -14.82 -4.21 -19.85
ZN ZN L . 38.89 -14.43 -6.45
C01 IW8 M . 15.57 -13.78 -5.38
C02 IW8 M . 15.47 -14.75 -4.46
C03 IW8 M . 15.79 -14.62 -3.21
C04 IW8 M . 16.28 -13.48 -2.80
C05 IW8 M . 16.43 -12.49 -3.60
C06 IW8 M . 16.06 -12.68 -4.91
C07 IW8 M . 16.69 -13.20 -1.44
C08 IW8 M . 17.11 -11.79 -1.66
N01 IW8 M . 16.88 -11.47 -3.06
BR IW8 M . 14.55 -16.36 -4.60
S IW8 M . 15.14 -13.94 -7.14
N02 IW8 M . 15.90 -12.73 -7.89
O01 IW8 M . 13.77 -13.94 -7.41
O02 IW8 M . 15.81 -15.05 -7.49
C09 IW8 M . 17.17 -10.36 -3.43
O03 IW8 M . 17.05 -9.98 -4.53
C10 IW8 M . 17.75 -9.23 -2.58
C11 IW8 M . 15.15 -11.59 -8.38
C12 IW8 M . 15.59 -11.35 -9.79
C13 IW8 M . 17.14 -11.15 -9.86
C14 IW8 M . 17.57 -12.62 -9.43
C15 IW8 M . 17.30 -12.90 -7.99
C16 IW8 M . 17.50 -11.13 -11.38
N IW8 M . 18.70 -10.45 -11.66
O IW8 M . 16.86 -11.63 -12.25
C17 IW8 M . 19.56 -9.82 -10.76
C18 IW8 M . 19.11 -10.38 -13.08
C19 IW8 M . 18.80 -9.08 -13.68
C20 IW8 M . 19.37 -8.77 -10.02
C21 IW8 M . 20.33 -8.38 -9.25
C22 IW8 M . 21.54 -8.89 -9.06
C23 IW8 M . 21.72 -9.95 -9.83
C24 IW8 M . 20.69 -10.38 -10.66
C IW8 M . 20.03 -7.21 -8.45
CL CL N . 15.77 -19.18 1.39
CL CL O . 11.72 -32.74 -8.74
CL CL P . 26.98 -7.90 -24.65
CL CL Q . 21.07 -16.51 -1.30
CL CL R . 3.08 -11.86 -15.91
CL CL S . 5.14 -25.90 -26.44
ZN ZN T . -19.46 -13.08 27.36
C01 IW8 U . 0.25 -10.85 39.51
C02 IW8 U . 0.03 -9.57 39.88
C03 IW8 U . -0.87 -9.21 40.76
C04 IW8 U . -1.61 -10.11 41.32
C05 IW8 U . -1.47 -11.35 41.03
C06 IW8 U . -0.53 -11.69 40.11
C07 IW8 U . -2.63 -9.82 42.30
C08 IW8 U . -3.07 -11.23 42.53
N01 IW8 U . -2.25 -12.09 41.67
BR IW8 U . 1.08 -8.07 39.56
S IW8 U . 1.49 -11.38 38.28
N02 IW8 U . 1.03 -12.87 37.82
O01 IW8 U . 2.80 -11.35 38.73
O02 IW8 U . 1.16 -10.62 37.21
C09 IW8 U . -2.48 -13.27 41.72
O03 IW8 U . -1.90 -14.06 41.08
C10 IW8 U . -3.52 -13.96 42.59
C11 IW8 U . 1.84 -13.98 38.24
C12 IW8 U . 2.10 -14.76 37.00
C13 IW8 U . 0.76 -15.16 36.30
C14 IW8 U . 0.29 -13.71 35.85
C15 IW8 U . -0.13 -12.89 37.02
C16 IW8 U . 1.21 -15.83 34.98
N IW8 U . 0.25 -16.72 34.47
O IW8 U . 2.25 -15.65 34.42
C17 IW8 U . -0.99 -17.02 35.01
C18 IW8 U . 0.55 -17.44 33.20
C19 IW8 U . 0.28 -16.60 32.04
C20 IW8 U . -1.31 -17.69 36.07
C21 IW8 U . -2.56 -17.84 36.35
C22 IW8 U . -3.63 -17.41 35.72
C23 IW8 U . -3.30 -16.73 34.64
C24 IW8 U . -1.96 -16.56 34.33
C IW8 U . -2.84 -18.58 37.55
CL CL V . 7.28 5.46 31.24
CL CL W . -1.09 -25.05 21.33
CL CL X . -6.12 -7.25 39.04
CL CL Y . -2.53 -3.03 42.51
CL CL Z . -26.88 -25.20 26.57
CL CL AA . 20.79 -7.07 23.25
ZN ZN BA . -2.55 18.61 -22.00
C01 IW8 CA . -17.59 34.78 -14.59
C02 IW8 CA . -17.27 35.67 -15.54
C03 IW8 CA . -17.57 35.55 -16.79
C04 IW8 CA . -18.22 34.51 -17.21
C05 IW8 CA . -18.56 33.58 -16.40
C06 IW8 CA . -18.23 33.75 -15.07
C07 IW8 CA . -18.60 34.28 -18.58
C08 IW8 CA . -19.27 32.98 -18.38
N01 IW8 CA . -19.17 32.65 -16.95
BR IW8 CA . -16.84 37.48 -15.33
S IW8 CA . -17.13 34.95 -12.85
N02 IW8 CA . -17.13 33.44 -12.26
O01 IW8 CA . -17.93 35.81 -12.12
O02 IW8 CA . -15.82 35.27 -12.95
C09 IW8 CA . -19.68 31.63 -16.58
O03 IW8 CA . -19.65 31.29 -15.47
C10 IW8 CA . -20.41 30.59 -17.42
C11 IW8 CA . -18.25 33.02 -11.48
C12 IW8 CA . -17.66 32.40 -10.25
C13 IW8 CA . -16.77 31.19 -10.69
C14 IW8 CA . -15.57 32.02 -11.33
C15 IW8 CA . -15.97 32.71 -12.60
C16 IW8 CA . -16.10 30.65 -9.39
N IW8 CA . -15.76 29.28 -9.48
O IW8 CA . -15.86 31.28 -8.41
C17 IW8 CA . -15.96 28.41 -10.56
C18 IW8 CA . -15.11 28.68 -8.29
C19 IW8 CA . -15.99 27.69 -7.65
C20 IW8 CA . -17.05 28.03 -11.15
C21 IW8 CA . -16.96 27.20 -12.13
C22 IW8 CA . -15.90 26.63 -12.67
C23 IW8 CA . -14.79 27.01 -12.06
C24 IW8 CA . -14.87 27.90 -11.00
C IW8 CA . -18.22 26.85 -12.75
CL CL DA . 9.98 31.52 -6.14
CL CL EA . -7.63 19.93 0.01
CL CL FA . -13.80 33.43 -20.79
CL CL GA . 4.14 30.78 -24.60
CL CL HA . -22.92 40.30 -0.14
CL CL IA . -7.89 47.00 6.68
#